data_1AOV
#
_entry.id   1AOV
#
_cell.length_a   77.620
_cell.length_b   98.740
_cell.length_c   126.960
_cell.angle_alpha   90.00
_cell.angle_beta   90.00
_cell.angle_gamma   90.00
#
_symmetry.space_group_name_H-M   'P 21 21 21'
#
_entity_poly.entity_id   1
_entity_poly.type   'polypeptide(L)'
_entity_poly.pdbx_seq_one_letter_code
;APPKTTVRWCTISSAEEKKCNSLKDHMQQERVTLSCVQKATYLDCIKAISNNEADAISLDGGQVFEAGLAPYKLKPIAAE
VYERSGGSTTSYYAVAVVKKGTDFMIKDLRGKTSCHTGLGRSAGWNIPIGTLIHREDIEWEGIESGISEQAVAKFFSASC
VPGATIEQKLCRQCKGDAKTKCLRNGPYSGYSGAFQCLKDGKGDVAFVKHTTVQENAPEEKDEYELLCLDGSRQPVDSYK
TCNWARVAAHAVVARDDSKIDDIWSFLGMQAYSLGVDTTSDFHLFGPPGKKDPVLKDLLFKDSAIMLKRVPELMDSQLYL
GFEYYSAIQSLRKDQLTVGPRENKIQWCAVGKDEKSKCDRWSVVSNGEVECTILDDNKDCIVKITKGEADAISLDGGFVY
TAGVCGLVPVVGESYEDETQCSKDEEQPAYYFAVAVVKKSSAITWNNLQGKKSCHTAVGRTAGWNIPMGLIHNKTGSCDF
DDYFSEGCAPGSPPNSRLCKLCQGSGENLLEKCVASSHEKYYGYTGALRCLVEQGDVAFIKHSTVGENVSGSNKDDWAKG
LTRDDFELLCTNGKRAKTMDYKTCHLAKVPTHAVVARPEKANKIRELLEGQEKLFGLHGTEKERFMMFQSQTKDLLFKAL
TKCLVKLRQGITYKEFLGDEYYASVASLNTCNPSDLLQVCTFLEDK
;
_entity_poly.pdbx_strand_id   A
#
# COMPACT_ATOMS: atom_id res chain seq x y z
N ALA A 1 9.94 -25.75 -2.74
CA ALA A 1 10.29 -26.18 -1.39
C ALA A 1 9.92 -27.68 -1.41
N PRO A 2 10.68 -28.67 -0.86
CA PRO A 2 10.67 -30.08 -1.26
C PRO A 2 9.74 -31.07 -0.55
N PRO A 3 8.82 -31.73 -1.28
CA PRO A 3 8.10 -32.90 -0.80
C PRO A 3 7.77 -34.00 -1.85
N LYS A 4 6.70 -34.71 -1.47
CA LYS A 4 6.09 -35.75 -2.26
C LYS A 4 4.63 -35.87 -1.75
N THR A 5 4.02 -34.75 -1.37
CA THR A 5 2.67 -34.72 -0.81
C THR A 5 1.54 -34.62 -1.81
N THR A 6 0.36 -35.05 -1.37
CA THR A 6 -0.82 -34.86 -2.16
C THR A 6 -1.39 -33.55 -1.65
N VAL A 7 -2.27 -33.00 -2.44
CA VAL A 7 -2.96 -31.78 -2.13
C VAL A 7 -4.37 -32.18 -2.51
N ARG A 8 -5.27 -31.81 -1.61
CA ARG A 8 -6.69 -32.13 -1.59
C ARG A 8 -7.39 -30.86 -2.06
N TRP A 9 -7.67 -30.80 -3.34
CA TRP A 9 -8.35 -29.68 -3.92
C TRP A 9 -9.78 -29.94 -3.51
N CYS A 10 -10.56 -28.90 -3.27
CA CYS A 10 -11.98 -29.06 -2.94
C CYS A 10 -12.87 -28.67 -4.12
N THR A 11 -13.91 -29.45 -4.43
CA THR A 11 -14.89 -29.11 -5.44
C THR A 11 -16.27 -29.08 -4.80
N ILE A 12 -17.17 -28.21 -5.23
CA ILE A 12 -18.50 -28.27 -4.66
C ILE A 12 -19.54 -28.88 -5.62
N SER A 13 -19.09 -29.13 -6.85
CA SER A 13 -19.96 -29.71 -7.88
C SER A 13 -19.22 -30.89 -8.49
N SER A 14 -20.06 -31.78 -8.96
CA SER A 14 -19.67 -32.96 -9.67
C SER A 14 -18.88 -32.65 -10.93
N ALA A 15 -19.34 -31.65 -11.67
CA ALA A 15 -18.69 -31.19 -12.89
C ALA A 15 -17.27 -30.72 -12.60
N GLU A 16 -17.25 -29.98 -11.52
CA GLU A 16 -16.03 -29.47 -10.98
C GLU A 16 -15.14 -30.63 -10.61
N GLU A 17 -15.70 -31.53 -9.84
CA GLU A 17 -15.03 -32.74 -9.49
C GLU A 17 -14.48 -33.44 -10.73
N LYS A 18 -15.31 -33.42 -11.80
CA LYS A 18 -15.00 -34.02 -13.09
C LYS A 18 -13.65 -33.52 -13.61
N LYS A 19 -13.51 -32.22 -13.83
CA LYS A 19 -12.21 -31.73 -14.25
C LYS A 19 -11.14 -31.90 -13.14
N CYS A 20 -11.45 -31.87 -11.84
CA CYS A 20 -10.47 -32.07 -10.77
C CYS A 20 -9.82 -33.41 -10.92
N ASN A 21 -10.54 -34.51 -11.10
CA ASN A 21 -9.86 -35.75 -11.36
C ASN A 21 -9.24 -35.75 -12.76
N SER A 22 -9.77 -35.05 -13.76
CA SER A 22 -9.12 -34.99 -15.07
C SER A 22 -7.70 -34.40 -14.96
N LEU A 23 -7.61 -33.43 -14.08
CA LEU A 23 -6.39 -32.78 -13.70
C LEU A 23 -5.49 -33.82 -13.10
N LYS A 24 -5.87 -34.42 -11.98
CA LYS A 24 -4.96 -35.37 -11.34
C LYS A 24 -4.33 -36.41 -12.27
N ASP A 25 -5.15 -36.95 -13.18
CA ASP A 25 -4.72 -37.97 -14.12
C ASP A 25 -3.50 -37.50 -14.92
N HIS A 26 -3.57 -36.27 -15.43
CA HIS A 26 -2.47 -35.71 -16.18
C HIS A 26 -1.14 -35.73 -15.49
N MET A 27 -1.12 -35.68 -14.16
CA MET A 27 0.17 -35.78 -13.52
C MET A 27 0.23 -36.59 -12.24
N GLN A 28 -0.16 -37.87 -12.39
CA GLN A 28 0.14 -38.79 -11.30
C GLN A 28 1.66 -38.90 -11.07
N GLN A 29 2.33 -38.61 -12.18
CA GLN A 29 3.76 -38.57 -12.34
C GLN A 29 4.48 -37.43 -11.62
N GLU A 30 4.07 -36.68 -10.59
CA GLU A 30 4.90 -35.54 -10.19
C GLU A 30 5.11 -35.54 -8.68
N ARG A 31 5.87 -34.60 -8.06
CA ARG A 31 6.10 -34.57 -6.60
C ARG A 31 4.84 -34.37 -5.75
N VAL A 32 4.10 -33.33 -6.10
CA VAL A 32 2.95 -32.92 -5.33
C VAL A 32 1.77 -33.34 -6.15
N THR A 33 1.07 -34.29 -5.62
CA THR A 33 -0.04 -34.84 -6.33
C THR A 33 -1.31 -34.19 -5.86
N LEU A 34 -2.38 -34.42 -6.59
CA LEU A 34 -3.67 -33.85 -6.25
C LEU A 34 -4.72 -34.89 -5.85
N SER A 35 -5.69 -34.44 -5.10
CA SER A 35 -6.78 -35.25 -4.64
C SER A 35 -7.99 -34.36 -4.80
N CYS A 36 -9.15 -34.97 -4.87
CA CYS A 36 -10.34 -34.20 -5.13
C CYS A 36 -11.26 -34.60 -4.01
N VAL A 37 -11.98 -33.70 -3.34
CA VAL A 37 -13.00 -34.08 -2.40
C VAL A 37 -14.11 -33.19 -2.88
N GLN A 38 -15.31 -33.71 -3.00
CA GLN A 38 -16.38 -32.85 -3.42
C GLN A 38 -17.18 -32.66 -2.15
N LYS A 39 -17.87 -31.54 -2.13
CA LYS A 39 -18.78 -31.16 -1.08
C LYS A 39 -19.89 -30.41 -1.79
N ALA A 40 -20.84 -29.92 -1.01
CA ALA A 40 -22.01 -29.20 -1.49
C ALA A 40 -21.87 -27.69 -1.39
N THR A 41 -21.24 -27.16 -0.34
CA THR A 41 -21.19 -25.71 -0.17
C THR A 41 -19.77 -25.21 -0.08
N TYR A 42 -19.35 -24.19 -0.84
CA TYR A 42 -18.02 -23.56 -0.67
C TYR A 42 -17.66 -23.38 0.83
N LEU A 43 -18.73 -23.03 1.55
CA LEU A 43 -18.70 -22.78 2.95
C LEU A 43 -18.27 -24.06 3.62
N ASP A 44 -18.86 -25.22 3.33
CA ASP A 44 -18.40 -26.45 3.95
C ASP A 44 -16.92 -26.65 3.72
N CYS A 45 -16.54 -26.43 2.47
CA CYS A 45 -15.18 -26.51 1.99
C CYS A 45 -14.26 -25.71 2.86
N ILE A 46 -14.73 -24.52 3.20
CA ILE A 46 -14.04 -23.59 4.08
C ILE A 46 -13.76 -24.30 5.39
N LYS A 47 -14.82 -24.77 6.01
CA LYS A 47 -14.60 -25.48 7.24
C LYS A 47 -13.88 -26.82 7.02
N ALA A 48 -13.96 -27.41 5.83
CA ALA A 48 -13.27 -28.66 5.53
C ALA A 48 -11.79 -28.43 5.29
N ILE A 49 -11.40 -27.15 5.24
CA ILE A 49 -9.99 -26.80 5.17
C ILE A 49 -9.63 -26.31 6.54
N SER A 50 -10.52 -25.72 7.35
CA SER A 50 -10.08 -25.34 8.68
C SER A 50 -9.90 -26.63 9.53
N ASN A 51 -10.68 -27.69 9.25
CA ASN A 51 -10.45 -28.98 9.89
C ASN A 51 -9.76 -29.60 8.69
N ASN A 52 -8.63 -30.23 8.89
CA ASN A 52 -7.77 -30.63 7.80
C ASN A 52 -8.19 -31.89 7.04
N GLU A 53 -9.20 -31.68 6.21
CA GLU A 53 -9.73 -32.69 5.29
C GLU A 53 -9.25 -32.32 3.93
N ALA A 54 -9.00 -31.01 3.75
CA ALA A 54 -8.70 -30.44 2.45
C ALA A 54 -7.78 -29.23 2.52
N ASP A 55 -7.34 -28.89 1.31
CA ASP A 55 -6.23 -27.99 1.19
C ASP A 55 -6.39 -26.69 0.48
N ALA A 56 -7.29 -26.58 -0.50
CA ALA A 56 -7.38 -25.36 -1.26
C ALA A 56 -8.62 -25.35 -2.10
N ILE A 57 -9.12 -24.10 -2.27
CA ILE A 57 -10.28 -23.77 -3.12
C ILE A 57 -10.17 -22.36 -3.63
N SER A 58 -10.87 -22.16 -4.75
CA SER A 58 -10.95 -20.89 -5.45
C SER A 58 -12.19 -20.09 -5.02
N LEU A 59 -12.03 -19.07 -4.21
CA LEU A 59 -13.15 -18.27 -3.81
C LEU A 59 -13.39 -17.00 -4.60
N ASP A 60 -14.59 -16.52 -4.39
CA ASP A 60 -15.09 -15.29 -4.95
C ASP A 60 -14.83 -14.18 -3.93
N GLY A 61 -14.60 -12.90 -4.32
CA GLY A 61 -14.40 -11.75 -3.42
C GLY A 61 -15.13 -11.79 -2.08
N GLY A 62 -16.46 -11.96 -2.08
CA GLY A 62 -17.23 -12.12 -0.86
C GLY A 62 -17.04 -13.45 -0.16
N GLN A 63 -16.83 -14.55 -0.89
CA GLN A 63 -16.65 -15.81 -0.20
C GLN A 63 -15.35 -15.85 0.60
N VAL A 64 -14.31 -15.45 -0.13
CA VAL A 64 -13.01 -15.39 0.47
C VAL A 64 -13.07 -14.53 1.72
N PHE A 65 -13.82 -13.43 1.69
CA PHE A 65 -14.06 -12.66 2.90
C PHE A 65 -14.40 -13.57 4.06
N GLU A 66 -15.52 -14.31 4.05
CA GLU A 66 -15.87 -15.08 5.24
C GLU A 66 -14.97 -16.26 5.54
N ALA A 67 -14.24 -16.71 4.53
CA ALA A 67 -13.25 -17.74 4.76
C ALA A 67 -12.13 -17.24 5.68
N GLY A 68 -11.96 -15.92 5.69
CA GLY A 68 -11.00 -15.31 6.56
C GLY A 68 -11.53 -15.12 7.96
N LEU A 69 -12.83 -15.24 8.20
CA LEU A 69 -13.25 -14.89 9.53
C LEU A 69 -13.11 -16.06 10.49
N ALA A 70 -12.55 -15.77 11.68
CA ALA A 70 -12.34 -16.80 12.67
C ALA A 70 -13.64 -17.58 12.86
N PRO A 71 -13.65 -18.89 12.95
CA PRO A 71 -12.54 -19.67 13.39
C PRO A 71 -11.65 -20.18 12.29
N TYR A 72 -11.91 -19.82 11.05
CA TYR A 72 -11.09 -20.31 9.94
C TYR A 72 -10.36 -19.04 9.56
N LYS A 73 -9.05 -18.91 9.65
CA LYS A 73 -8.51 -17.70 9.12
C LYS A 73 -7.72 -18.38 8.03
N LEU A 74 -8.39 -18.39 6.90
CA LEU A 74 -7.78 -18.91 5.68
C LEU A 74 -7.41 -17.67 4.95
N LYS A 75 -6.26 -17.80 4.33
CA LYS A 75 -5.75 -16.62 3.68
C LYS A 75 -5.51 -16.83 2.21
N PRO A 76 -5.58 -15.79 1.37
CA PRO A 76 -5.49 -15.96 -0.06
C PRO A 76 -4.04 -16.22 -0.36
N ILE A 77 -3.73 -17.40 -0.84
CA ILE A 77 -2.35 -17.66 -1.22
C ILE A 77 -2.10 -17.50 -2.72
N ALA A 78 -3.16 -17.40 -3.52
CA ALA A 78 -3.02 -17.30 -4.97
C ALA A 78 -4.21 -16.64 -5.67
N ALA A 79 -4.03 -15.74 -6.63
CA ALA A 79 -5.14 -15.08 -7.25
C ALA A 79 -4.99 -15.27 -8.73
N GLU A 80 -6.06 -14.98 -9.45
CA GLU A 80 -6.09 -15.06 -10.89
C GLU A 80 -5.73 -13.72 -11.45
N VAL A 81 -5.45 -13.82 -12.72
CA VAL A 81 -5.08 -12.68 -13.50
C VAL A 81 -5.92 -12.78 -14.74
N TYR A 82 -6.31 -11.64 -15.34
CA TYR A 82 -7.24 -11.59 -16.48
C TYR A 82 -7.08 -10.76 -17.77
N GLU A 83 -6.20 -9.77 -18.01
CA GLU A 83 -6.28 -9.02 -19.28
C GLU A 83 -5.84 -9.48 -20.69
N ARG A 84 -6.27 -8.69 -21.71
CA ARG A 84 -5.90 -8.92 -23.11
C ARG A 84 -5.02 -7.76 -23.58
N SER A 85 -5.55 -6.56 -23.84
CA SER A 85 -4.74 -5.44 -24.29
C SER A 85 -4.41 -4.76 -22.94
N GLY A 86 -3.13 -4.54 -22.64
CA GLY A 86 -2.68 -3.96 -21.39
C GLY A 86 -1.54 -4.84 -20.89
N GLY A 87 -1.91 -6.03 -20.44
CA GLY A 87 -0.95 -7.00 -20.00
C GLY A 87 -1.69 -8.08 -19.26
N SER A 88 -1.71 -7.78 -17.98
CA SER A 88 -2.28 -8.70 -17.02
C SER A 88 -2.85 -7.85 -15.87
N THR A 89 -3.69 -8.41 -15.01
CA THR A 89 -4.37 -7.66 -13.95
C THR A 89 -4.75 -8.59 -12.79
N THR A 90 -4.97 -8.16 -11.55
CA THR A 90 -5.57 -9.01 -10.52
C THR A 90 -6.85 -8.31 -10.00
N SER A 91 -7.53 -7.52 -10.87
CA SER A 91 -8.77 -6.82 -10.52
C SER A 91 -9.67 -6.32 -11.65
N TYR A 92 -10.79 -5.92 -11.05
CA TYR A 92 -12.01 -5.12 -11.36
C TYR A 92 -12.28 -5.04 -9.83
N TYR A 93 -14.22 -2.82 -11.08
CA TYR A 93 -14.31 -1.65 -10.20
C TYR A 93 -15.75 -1.32 -10.46
N ALA A 94 -16.30 -0.90 -9.36
CA ALA A 94 -17.66 -0.53 -9.26
C ALA A 94 -17.61 0.97 -9.24
N VAL A 95 -18.55 1.62 -9.90
CA VAL A 95 -18.56 3.07 -9.98
C VAL A 95 -19.97 3.55 -9.65
N ALA A 96 -20.25 4.83 -9.45
CA ALA A 96 -21.61 5.26 -9.39
C ALA A 96 -21.68 6.16 -10.62
N VAL A 97 -22.42 5.82 -11.67
CA VAL A 97 -22.51 6.71 -12.82
C VAL A 97 -23.65 7.72 -12.64
N VAL A 98 -23.38 8.99 -12.96
CA VAL A 98 -24.35 10.07 -12.86
C VAL A 98 -24.45 10.69 -14.27
N LYS A 99 -25.30 11.71 -14.50
CA LYS A 99 -25.37 12.36 -15.82
C LYS A 99 -24.64 13.70 -15.75
N LYS A 100 -23.82 14.05 -16.75
CA LYS A 100 -23.02 15.25 -16.65
C LYS A 100 -23.96 16.44 -16.68
N GLY A 101 -23.83 17.37 -15.74
CA GLY A 101 -24.67 18.56 -15.76
C GLY A 101 -25.62 18.59 -14.60
N THR A 102 -26.11 17.44 -14.15
CA THR A 102 -26.92 17.40 -12.93
C THR A 102 -25.85 17.64 -11.91
N ASP A 103 -26.17 18.37 -10.87
CA ASP A 103 -25.08 18.84 -10.05
C ASP A 103 -25.16 18.38 -8.61
N PHE A 104 -24.96 17.09 -8.38
CA PHE A 104 -24.94 16.60 -7.00
C PHE A 104 -23.75 15.74 -6.89
N MET A 105 -23.13 15.73 -5.73
CA MET A 105 -21.98 14.88 -5.52
C MET A 105 -22.39 13.98 -4.36
N ILE A 106 -21.50 13.09 -3.90
CA ILE A 106 -21.83 12.12 -2.85
C ILE A 106 -22.57 12.51 -1.55
N LYS A 107 -22.44 13.70 -0.96
CA LYS A 107 -23.26 14.03 0.22
C LYS A 107 -24.73 14.16 -0.12
N ASP A 108 -24.93 14.49 -1.38
CA ASP A 108 -26.24 14.78 -1.87
C ASP A 108 -27.02 13.59 -2.36
N LEU A 109 -26.77 12.34 -2.07
CA LEU A 109 -27.71 11.32 -2.51
C LEU A 109 -28.96 11.25 -1.67
N ARG A 110 -29.13 12.11 -0.66
CA ARG A 110 -30.32 12.03 0.17
C ARG A 110 -31.54 12.55 -0.55
N GLY A 111 -32.25 11.45 -0.73
CA GLY A 111 -33.47 11.41 -1.49
C GLY A 111 -33.15 11.39 -2.98
N LYS A 112 -32.30 10.52 -3.51
CA LYS A 112 -32.12 10.47 -4.95
C LYS A 112 -32.97 9.35 -5.49
N THR A 113 -33.04 9.33 -6.79
CA THR A 113 -33.65 8.17 -7.37
C THR A 113 -32.42 7.39 -7.75
N SER A 114 -32.41 6.10 -7.48
CA SER A 114 -31.32 5.24 -7.86
C SER A 114 -31.74 4.01 -8.70
N CYS A 115 -30.85 3.55 -9.56
CA CYS A 115 -31.01 2.40 -10.44
C CYS A 115 -29.95 1.41 -9.95
N HIS A 116 -30.18 0.11 -9.74
CA HIS A 116 -29.18 -0.81 -9.21
C HIS A 116 -29.14 -2.05 -10.09
N THR A 117 -28.24 -3.00 -9.86
CA THR A 117 -28.16 -4.17 -10.71
C THR A 117 -29.04 -5.30 -10.27
N GLY A 118 -29.12 -5.51 -8.95
CA GLY A 118 -29.97 -6.56 -8.39
C GLY A 118 -29.79 -6.55 -6.90
N LEU A 119 -30.66 -7.17 -6.10
CA LEU A 119 -30.39 -7.23 -4.68
C LEU A 119 -29.31 -8.27 -4.45
N GLY A 120 -28.42 -7.91 -3.54
CA GLY A 120 -27.34 -8.77 -3.09
C GLY A 120 -26.25 -9.01 -4.13
N ARG A 121 -26.13 -8.01 -4.96
CA ARG A 121 -25.11 -8.02 -5.99
C ARG A 121 -24.06 -7.08 -5.43
N SER A 122 -22.78 -7.44 -5.58
CA SER A 122 -21.72 -6.64 -5.03
C SER A 122 -21.71 -5.23 -5.62
N ALA A 123 -21.60 -5.16 -6.96
CA ALA A 123 -21.57 -3.90 -7.72
C ALA A 123 -22.71 -2.90 -7.49
N GLY A 124 -23.93 -3.49 -7.44
CA GLY A 124 -25.18 -2.74 -7.32
C GLY A 124 -25.86 -2.79 -5.98
N TRP A 125 -25.34 -3.47 -4.97
CA TRP A 125 -25.98 -3.38 -3.68
C TRP A 125 -24.93 -3.18 -2.58
N ASN A 126 -24.06 -4.19 -2.43
CA ASN A 126 -23.15 -4.29 -1.29
C ASN A 126 -22.20 -3.13 -1.13
N ILE A 127 -21.55 -2.78 -2.23
CA ILE A 127 -20.58 -1.71 -2.28
C ILE A 127 -21.35 -0.45 -1.93
N PRO A 128 -22.27 0.08 -2.73
CA PRO A 128 -22.76 1.42 -2.56
C PRO A 128 -23.49 1.59 -1.24
N ILE A 129 -24.41 0.64 -1.03
CA ILE A 129 -25.24 0.68 0.17
C ILE A 129 -24.38 0.62 1.44
N GLY A 130 -23.42 -0.29 1.54
CA GLY A 130 -22.58 -0.43 2.73
C GLY A 130 -21.64 0.75 3.00
N THR A 131 -21.20 1.35 1.89
CA THR A 131 -20.42 2.57 1.90
C THR A 131 -21.27 3.62 2.61
N LEU A 132 -22.39 3.91 1.94
CA LEU A 132 -23.35 4.89 2.37
C LEU A 132 -23.86 4.62 3.78
N ILE A 133 -23.78 3.36 4.20
CA ILE A 133 -24.08 2.98 5.58
C ILE A 133 -22.90 3.48 6.39
N HIS A 134 -21.66 3.07 6.21
CA HIS A 134 -20.62 3.55 7.08
C HIS A 134 -20.40 5.04 7.22
N ARG A 135 -20.65 5.77 6.12
CA ARG A 135 -20.49 7.22 6.12
C ARG A 135 -21.48 7.82 7.13
N GLU A 136 -22.81 7.50 7.07
CA GLU A 136 -23.88 7.98 7.97
C GLU A 136 -25.22 7.93 7.24
N ASP A 137 -25.06 8.57 6.09
CA ASP A 137 -26.06 8.88 5.10
C ASP A 137 -27.21 7.90 5.09
N ILE A 138 -26.96 6.60 5.04
CA ILE A 138 -28.01 5.61 5.18
C ILE A 138 -27.83 5.09 6.61
N GLU A 139 -28.75 5.54 7.46
CA GLU A 139 -28.79 5.31 8.91
C GLU A 139 -29.30 4.01 9.53
N TRP A 140 -28.54 2.95 9.35
CA TRP A 140 -28.92 1.66 9.81
C TRP A 140 -28.14 1.28 11.08
N GLU A 141 -28.51 1.31 12.38
CA GLU A 141 -27.65 0.91 13.54
C GLU A 141 -28.03 -0.08 14.72
N GLY A 142 -27.57 -1.37 14.73
CA GLY A 142 -27.95 -2.47 15.67
C GLY A 142 -29.03 -3.50 15.24
N ILE A 143 -28.91 -4.41 14.23
CA ILE A 143 -30.06 -5.32 14.00
C ILE A 143 -29.87 -6.51 14.93
N GLU A 144 -30.78 -6.45 15.91
CA GLU A 144 -30.88 -7.47 16.92
C GLU A 144 -32.21 -8.12 16.59
N SER A 145 -33.20 -7.24 16.46
CA SER A 145 -34.56 -7.57 16.02
C SER A 145 -35.14 -6.17 15.72
N GLY A 146 -34.36 -5.47 14.92
CA GLY A 146 -34.74 -4.12 14.52
C GLY A 146 -35.12 -4.28 13.06
N ILE A 147 -36.18 -3.63 12.55
CA ILE A 147 -36.54 -3.82 11.13
C ILE A 147 -35.40 -3.14 10.40
N SER A 148 -34.98 -3.77 9.29
CA SER A 148 -33.65 -3.46 8.88
C SER A 148 -33.24 -3.13 7.44
N GLU A 149 -32.46 -4.05 6.85
CA GLU A 149 -31.70 -3.86 5.64
C GLU A 149 -32.35 -3.02 4.58
N GLN A 150 -33.64 -3.19 4.31
CA GLN A 150 -34.28 -2.38 3.30
C GLN A 150 -34.81 -1.07 3.86
N ALA A 151 -33.95 -0.51 4.67
CA ALA A 151 -34.18 0.79 5.23
C ALA A 151 -33.75 1.75 4.14
N VAL A 152 -33.10 1.33 3.04
CA VAL A 152 -32.64 2.31 2.07
C VAL A 152 -33.76 3.18 1.49
N ALA A 153 -34.97 2.66 1.57
CA ALA A 153 -36.22 3.38 1.33
C ALA A 153 -36.34 4.77 1.99
N LYS A 154 -35.85 4.84 3.21
CA LYS A 154 -35.81 6.09 3.98
C LYS A 154 -34.78 7.00 3.41
N PHE A 155 -33.76 6.39 2.84
CA PHE A 155 -32.71 7.19 2.23
C PHE A 155 -33.03 7.72 0.82
N PHE A 156 -33.41 6.83 -0.11
CA PHE A 156 -33.69 7.18 -1.49
C PHE A 156 -35.20 7.13 -1.64
N SER A 157 -35.65 8.18 -2.34
CA SER A 157 -37.06 8.44 -2.56
C SER A 157 -37.76 7.33 -3.35
N ALA A 158 -36.93 6.66 -4.15
CA ALA A 158 -37.40 5.65 -5.07
C ALA A 158 -36.11 5.12 -5.60
N SER A 159 -36.32 3.94 -6.06
CA SER A 159 -35.24 3.18 -6.57
C SER A 159 -35.91 2.13 -7.42
N CYS A 160 -34.98 1.41 -8.00
CA CYS A 160 -35.20 0.21 -8.75
C CYS A 160 -34.13 -0.68 -8.11
N VAL A 161 -34.50 -1.68 -7.36
CA VAL A 161 -33.56 -2.59 -6.76
C VAL A 161 -34.22 -3.87 -7.21
N PRO A 162 -33.72 -4.52 -8.27
CA PRO A 162 -34.29 -5.79 -8.77
C PRO A 162 -34.39 -7.06 -7.86
N GLY A 163 -35.49 -7.83 -7.88
CA GLY A 163 -35.60 -9.04 -7.07
C GLY A 163 -35.77 -8.79 -5.57
N ALA A 164 -36.19 -7.57 -5.32
CA ALA A 164 -36.54 -7.18 -3.99
C ALA A 164 -38.06 -7.35 -3.94
N THR A 165 -38.37 -7.97 -2.82
CA THR A 165 -39.72 -8.37 -2.49
C THR A 165 -40.01 -7.88 -1.09
N ILE A 166 -39.37 -6.86 -0.55
CA ILE A 166 -39.59 -6.55 0.87
C ILE A 166 -40.10 -5.16 1.10
N GLU A 167 -40.06 -4.39 0.00
CA GLU A 167 -40.54 -3.03 -0.01
C GLU A 167 -41.24 -2.77 -1.30
N GLN A 168 -41.53 -1.50 -1.43
CA GLN A 168 -42.10 -1.12 -2.66
C GLN A 168 -41.47 0.08 -3.35
N LYS A 169 -41.03 1.21 -2.75
CA LYS A 169 -40.37 2.29 -3.51
C LYS A 169 -39.09 1.84 -4.24
N LEU A 170 -38.43 0.82 -3.69
CA LEU A 170 -37.28 0.23 -4.32
C LEU A 170 -37.64 -0.50 -5.59
N CYS A 171 -38.89 -0.90 -5.72
CA CYS A 171 -39.40 -1.62 -6.87
C CYS A 171 -40.04 -0.63 -7.85
N ARG A 172 -40.34 0.60 -7.39
CA ARG A 172 -41.06 1.64 -8.13
C ARG A 172 -40.56 1.98 -9.55
N GLN A 173 -39.27 2.25 -9.69
CA GLN A 173 -38.71 2.64 -10.97
C GLN A 173 -38.44 1.45 -11.87
N CYS A 174 -38.91 0.24 -11.62
CA CYS A 174 -38.49 -0.87 -12.47
C CYS A 174 -39.37 -0.89 -13.71
N LYS A 175 -38.81 -0.96 -14.91
CA LYS A 175 -39.59 -0.96 -16.15
C LYS A 175 -40.14 -2.35 -16.30
N GLY A 176 -41.31 -2.39 -16.94
CA GLY A 176 -41.98 -3.64 -17.27
C GLY A 176 -43.51 -3.62 -17.09
N ASP A 177 -43.96 -4.59 -16.28
CA ASP A 177 -45.37 -4.73 -15.92
C ASP A 177 -45.64 -4.23 -14.51
N ALA A 178 -45.58 -5.16 -13.56
CA ALA A 178 -45.78 -4.91 -12.15
C ALA A 178 -45.24 -6.23 -11.62
N LYS A 179 -45.82 -7.36 -12.02
CA LYS A 179 -45.25 -8.63 -11.60
C LYS A 179 -43.83 -8.79 -12.14
N THR A 180 -43.55 -8.59 -13.44
CA THR A 180 -42.17 -8.75 -13.89
C THR A 180 -41.17 -7.63 -13.60
N LYS A 181 -41.63 -6.39 -13.33
CA LYS A 181 -40.65 -5.31 -13.22
C LYS A 181 -39.65 -5.46 -12.08
N CYS A 182 -40.03 -6.10 -10.98
CA CYS A 182 -39.07 -6.23 -9.94
C CYS A 182 -38.61 -7.64 -9.90
N LEU A 183 -38.53 -8.27 -11.05
CA LEU A 183 -37.99 -9.61 -11.02
C LEU A 183 -36.50 -9.58 -11.18
N ARG A 184 -35.82 -10.57 -10.65
CA ARG A 184 -34.36 -10.61 -10.71
C ARG A 184 -33.74 -10.49 -12.12
N ASN A 185 -34.59 -10.73 -13.07
CA ASN A 185 -34.31 -10.70 -14.49
C ASN A 185 -35.14 -9.61 -15.15
N GLY A 186 -35.92 -8.92 -14.33
CA GLY A 186 -36.77 -7.81 -14.70
C GLY A 186 -35.86 -6.86 -15.44
N PRO A 187 -36.16 -6.38 -16.64
CA PRO A 187 -35.19 -5.91 -17.65
C PRO A 187 -34.20 -4.78 -17.29
N TYR A 188 -34.37 -4.09 -16.16
CA TYR A 188 -33.43 -3.06 -15.71
C TYR A 188 -32.39 -3.75 -14.82
N SER A 189 -32.36 -5.09 -14.84
CA SER A 189 -31.50 -5.88 -14.01
C SER A 189 -30.18 -6.03 -14.72
N GLY A 190 -29.25 -6.36 -13.84
CA GLY A 190 -27.88 -6.55 -14.21
C GLY A 190 -27.28 -5.20 -14.56
N TYR A 191 -26.07 -5.32 -15.13
CA TYR A 191 -25.30 -4.14 -15.49
C TYR A 191 -25.98 -3.25 -16.51
N SER A 192 -25.98 -3.63 -17.78
CA SER A 192 -26.63 -2.84 -18.83
C SER A 192 -27.97 -2.23 -18.47
N GLY A 193 -28.74 -3.00 -17.68
CA GLY A 193 -30.10 -2.66 -17.29
C GLY A 193 -30.18 -1.45 -16.39
N ALA A 194 -29.33 -1.56 -15.38
CA ALA A 194 -29.19 -0.49 -14.43
C ALA A 194 -28.75 0.76 -15.19
N PHE A 195 -27.86 0.60 -16.18
CA PHE A 195 -27.44 1.75 -16.97
C PHE A 195 -28.63 2.27 -17.73
N GLN A 196 -29.40 1.45 -18.45
CA GLN A 196 -30.50 1.96 -19.26
C GLN A 196 -31.50 2.76 -18.46
N CYS A 197 -31.74 2.29 -17.24
CA CYS A 197 -32.62 2.94 -16.28
C CYS A 197 -32.35 4.44 -16.07
N LEU A 198 -31.08 4.63 -15.86
CA LEU A 198 -30.49 5.92 -15.69
C LEU A 198 -30.70 6.69 -16.98
N LYS A 199 -30.45 6.03 -18.12
CA LYS A 199 -30.66 6.65 -19.42
C LYS A 199 -32.17 6.85 -19.61
N ASP A 200 -33.02 6.12 -18.91
CA ASP A 200 -34.45 6.34 -19.04
C ASP A 200 -34.92 7.41 -18.10
N GLY A 201 -34.02 8.16 -17.47
CA GLY A 201 -34.40 9.20 -16.50
C GLY A 201 -35.21 8.66 -15.32
N LYS A 202 -35.04 7.35 -15.18
CA LYS A 202 -35.70 6.65 -14.14
C LYS A 202 -34.81 6.58 -12.92
N GLY A 203 -33.63 7.22 -12.87
CA GLY A 203 -32.75 7.19 -11.72
C GLY A 203 -32.18 8.58 -11.57
N ASP A 204 -31.16 8.61 -10.73
CA ASP A 204 -30.21 9.72 -10.74
C ASP A 204 -28.79 9.14 -10.76
N VAL A 205 -28.62 7.88 -10.32
CA VAL A 205 -27.36 7.17 -10.21
C VAL A 205 -27.55 5.71 -10.52
N ALA A 206 -26.77 5.12 -11.37
CA ALA A 206 -26.85 3.71 -11.57
C ALA A 206 -25.56 3.23 -10.92
N PHE A 207 -25.67 2.39 -9.92
CA PHE A 207 -24.48 1.87 -9.30
C PHE A 207 -24.03 0.71 -10.15
N VAL A 208 -22.91 0.84 -10.86
CA VAL A 208 -22.46 -0.20 -11.80
C VAL A 208 -21.00 -0.58 -11.72
N LYS A 209 -20.46 -1.22 -12.76
CA LYS A 209 -19.05 -1.52 -12.90
C LYS A 209 -18.46 -0.45 -13.84
N HIS A 210 -17.14 -0.16 -13.94
CA HIS A 210 -16.64 0.76 -14.98
C HIS A 210 -16.95 0.55 -16.48
N THR A 211 -16.76 -0.68 -17.02
CA THR A 211 -16.80 -0.90 -18.47
C THR A 211 -18.14 -0.54 -19.07
N THR A 212 -19.16 -0.53 -18.24
CA THR A 212 -20.52 -0.30 -18.65
C THR A 212 -20.74 0.92 -19.54
N VAL A 213 -20.11 2.04 -19.26
CA VAL A 213 -20.37 3.21 -20.09
C VAL A 213 -19.82 2.99 -21.48
N GLN A 214 -18.70 2.30 -21.59
CA GLN A 214 -18.22 1.90 -22.91
C GLN A 214 -19.13 0.84 -23.53
N GLU A 215 -19.64 -0.09 -22.70
CA GLU A 215 -20.43 -1.23 -23.16
C GLU A 215 -21.79 -0.89 -23.71
N ASN A 216 -22.38 0.08 -23.03
CA ASN A 216 -23.68 0.42 -23.46
C ASN A 216 -23.58 1.62 -24.36
N ALA A 217 -22.69 2.59 -24.11
CA ALA A 217 -22.83 3.88 -24.78
C ALA A 217 -21.68 4.51 -25.51
N PRO A 218 -20.76 3.81 -26.14
CA PRO A 218 -19.40 4.30 -26.44
C PRO A 218 -19.19 5.58 -27.28
N GLU A 219 -20.35 5.95 -27.78
CA GLU A 219 -20.68 7.11 -28.62
C GLU A 219 -20.79 8.41 -27.79
N GLU A 220 -21.65 8.31 -26.76
CA GLU A 220 -22.10 9.39 -25.90
C GLU A 220 -21.57 9.30 -24.46
N LYS A 221 -20.42 8.66 -24.27
CA LYS A 221 -19.81 8.48 -22.96
C LYS A 221 -19.56 9.80 -22.26
N ASP A 222 -19.21 10.72 -23.14
CA ASP A 222 -18.97 12.11 -22.83
C ASP A 222 -20.18 12.83 -22.24
N GLU A 223 -21.36 12.22 -22.13
CA GLU A 223 -22.54 12.87 -21.55
C GLU A 223 -22.77 12.45 -20.07
N TYR A 224 -21.98 11.44 -19.68
CA TYR A 224 -22.06 10.72 -18.42
C TYR A 224 -20.88 11.04 -17.54
N GLU A 225 -21.02 10.87 -16.22
CA GLU A 225 -19.95 11.11 -15.24
C GLU A 225 -19.88 10.09 -14.10
N LEU A 226 -18.80 10.18 -13.35
CA LEU A 226 -18.59 9.37 -12.18
C LEU A 226 -18.78 10.34 -11.01
N LEU A 227 -19.36 9.80 -9.96
CA LEU A 227 -19.60 10.48 -8.71
C LEU A 227 -18.64 9.90 -7.66
N CYS A 228 -17.43 10.46 -7.35
CA CYS A 228 -16.51 9.95 -6.31
C CYS A 228 -16.70 10.47 -4.88
N LEU A 229 -16.30 9.52 -4.03
CA LEU A 229 -16.39 9.58 -2.58
C LEU A 229 -15.64 10.71 -1.92
N ASP A 230 -14.75 11.44 -2.61
CA ASP A 230 -14.10 12.62 -2.03
C ASP A 230 -14.91 13.87 -2.34
N GLY A 231 -16.17 13.64 -2.76
CA GLY A 231 -17.13 14.68 -3.10
C GLY A 231 -16.96 15.31 -4.46
N SER A 232 -16.43 14.56 -5.41
CA SER A 232 -16.14 15.15 -6.69
C SER A 232 -16.71 14.23 -7.73
N ARG A 233 -16.74 14.73 -8.94
CA ARG A 233 -17.12 13.98 -10.10
C ARG A 233 -15.86 14.01 -10.94
N GLN A 234 -15.78 12.97 -11.73
CA GLN A 234 -14.65 12.72 -12.61
C GLN A 234 -15.20 11.96 -13.80
N PRO A 235 -14.68 12.12 -15.01
CA PRO A 235 -15.15 11.38 -16.15
C PRO A 235 -14.98 9.89 -16.04
N VAL A 236 -15.83 9.36 -16.89
CA VAL A 236 -15.90 7.96 -17.20
C VAL A 236 -14.54 7.25 -17.19
N ASP A 237 -13.53 7.70 -17.93
CA ASP A 237 -12.25 6.98 -17.93
C ASP A 237 -11.36 7.22 -16.74
N SER A 238 -11.71 8.05 -15.79
CA SER A 238 -10.90 8.30 -14.60
C SER A 238 -11.26 7.37 -13.45
N TYR A 239 -11.81 6.23 -13.80
CA TYR A 239 -12.29 5.26 -12.82
C TYR A 239 -11.31 4.84 -11.75
N LYS A 240 -10.04 4.71 -12.11
CA LYS A 240 -9.01 4.21 -11.20
C LYS A 240 -8.74 5.16 -10.03
N THR A 241 -9.28 6.37 -10.16
CA THR A 241 -9.16 7.35 -9.12
C THR A 241 -10.51 7.83 -8.62
N CYS A 242 -11.53 7.10 -9.07
CA CYS A 242 -12.86 7.42 -8.72
C CYS A 242 -13.63 6.09 -8.74
N ASN A 243 -13.55 5.21 -7.74
CA ASN A 243 -14.35 4.00 -7.69
C ASN A 243 -14.77 3.88 -6.26
N TRP A 244 -15.98 3.39 -6.08
CA TRP A 244 -16.55 3.18 -4.76
C TRP A 244 -15.89 1.97 -4.10
N ALA A 245 -15.14 1.27 -4.92
CA ALA A 245 -14.39 0.07 -4.69
C ALA A 245 -14.68 -0.69 -5.98
N ARG A 246 -12.59 -4.03 -8.97
CA ARG A 246 -12.20 -4.03 -7.52
C ARG A 246 -12.80 -4.97 -6.49
N VAL A 247 -13.48 -5.90 -7.05
CA VAL A 247 -13.90 -7.12 -6.40
C VAL A 247 -12.61 -7.83 -6.88
N ALA A 248 -11.53 -7.68 -6.10
CA ALA A 248 -10.28 -8.36 -6.39
C ALA A 248 -10.51 -9.79 -6.81
N ALA A 249 -9.82 -10.14 -7.86
CA ALA A 249 -9.90 -11.48 -8.39
C ALA A 249 -10.12 -12.67 -7.48
N HIS A 250 -10.47 -13.72 -8.19
CA HIS A 250 -10.70 -14.97 -7.54
C HIS A 250 -9.44 -15.52 -6.92
N ALA A 251 -9.55 -15.71 -5.62
CA ALA A 251 -8.46 -16.18 -4.81
C ALA A 251 -8.43 -17.66 -4.43
N VAL A 252 -7.40 -18.43 -4.71
CA VAL A 252 -7.26 -19.70 -4.06
C VAL A 252 -6.87 -19.36 -2.63
N VAL A 253 -7.54 -19.98 -1.66
CA VAL A 253 -7.20 -19.77 -0.26
C VAL A 253 -6.83 -21.12 0.34
N ALA A 254 -6.08 -21.05 1.46
CA ALA A 254 -5.69 -22.21 2.27
C ALA A 254 -5.31 -21.80 3.71
N ARG A 255 -4.78 -22.75 4.47
CA ARG A 255 -4.44 -22.53 5.86
C ARG A 255 -3.14 -21.80 5.97
N ASP A 256 -3.08 -20.96 7.00
CA ASP A 256 -1.84 -20.26 7.28
C ASP A 256 -0.81 -21.23 7.80
N ASP A 257 -1.25 -21.98 8.79
CA ASP A 257 -0.35 -22.87 9.45
C ASP A 257 -0.42 -24.15 8.62
N SER A 258 0.26 -24.14 7.46
CA SER A 258 0.36 -25.33 6.65
C SER A 258 1.27 -25.26 5.43
N LYS A 259 1.29 -26.42 4.80
CA LYS A 259 1.97 -26.75 3.57
C LYS A 259 1.53 -26.01 2.29
N ILE A 260 1.14 -24.74 2.39
CA ILE A 260 0.77 -23.90 1.25
C ILE A 260 1.77 -23.97 0.10
N ASP A 261 3.11 -23.89 0.36
CA ASP A 261 4.15 -23.96 -0.66
C ASP A 261 3.87 -25.12 -1.59
N ASP A 262 3.44 -26.24 -1.03
CA ASP A 262 3.15 -27.39 -1.86
C ASP A 262 2.02 -27.18 -2.84
N ILE A 263 0.99 -26.55 -2.33
CA ILE A 263 -0.15 -26.30 -3.19
C ILE A 263 0.29 -25.32 -4.27
N TRP A 264 0.95 -24.20 -3.93
CA TRP A 264 1.40 -23.24 -4.92
C TRP A 264 2.37 -23.94 -5.86
N SER A 265 3.10 -24.91 -5.38
CA SER A 265 4.01 -25.67 -6.20
C SER A 265 3.24 -26.53 -7.18
N PHE A 266 2.09 -27.08 -6.80
CA PHE A 266 1.32 -27.86 -7.79
C PHE A 266 0.68 -26.95 -8.83
N LEU A 267 -0.02 -25.91 -8.31
CA LEU A 267 -0.71 -24.94 -9.11
C LEU A 267 0.34 -24.43 -10.02
N GLY A 268 1.53 -24.11 -9.54
CA GLY A 268 2.67 -23.76 -10.36
C GLY A 268 2.83 -24.71 -11.55
N MET A 269 3.13 -25.99 -11.35
CA MET A 269 3.42 -26.83 -12.50
C MET A 269 2.26 -26.99 -13.43
N GLN A 270 1.13 -27.14 -12.76
CA GLN A 270 -0.07 -27.39 -13.52
C GLN A 270 -0.30 -26.22 -14.42
N ALA A 271 -0.07 -25.04 -13.77
CA ALA A 271 -0.52 -23.77 -14.30
C ALA A 271 -0.06 -23.53 -15.70
N TYR A 272 1.04 -24.18 -16.06
CA TYR A 272 1.48 -23.72 -17.33
C TYR A 272 2.02 -24.88 -18.12
N SER A 273 1.90 -26.11 -17.64
CA SER A 273 2.14 -27.19 -18.60
C SER A 273 0.84 -27.20 -19.41
N LEU A 274 -0.23 -27.02 -18.61
CA LEU A 274 -1.61 -27.11 -19.06
C LEU A 274 -2.23 -25.72 -18.99
N GLY A 275 -1.50 -24.71 -19.45
CA GLY A 275 -1.94 -23.36 -19.24
C GLY A 275 -2.91 -22.84 -20.24
N VAL A 276 -2.66 -21.54 -20.36
CA VAL A 276 -3.33 -20.71 -21.35
C VAL A 276 -3.11 -21.17 -22.75
N ASP A 277 -1.96 -21.81 -22.91
CA ASP A 277 -1.71 -22.47 -24.16
C ASP A 277 -1.29 -23.81 -23.66
N THR A 278 -2.18 -24.72 -23.92
CA THR A 278 -1.82 -26.07 -23.64
C THR A 278 -1.50 -26.47 -25.04
N THR A 279 -0.37 -27.15 -25.28
CA THR A 279 -0.04 -27.58 -26.66
C THR A 279 -1.20 -28.38 -27.24
N SER A 280 -2.00 -28.94 -26.32
CA SER A 280 -3.15 -29.68 -26.73
C SER A 280 -4.35 -29.57 -25.80
N ASP A 281 -4.59 -30.58 -24.97
CA ASP A 281 -5.92 -30.69 -24.42
C ASP A 281 -6.49 -30.47 -23.02
N PHE A 282 -5.95 -30.93 -21.89
CA PHE A 282 -6.56 -30.66 -20.60
C PHE A 282 -6.26 -29.20 -20.45
N HIS A 283 -7.23 -28.36 -20.19
CA HIS A 283 -6.86 -26.98 -20.06
C HIS A 283 -6.96 -26.67 -18.59
N LEU A 284 -6.19 -25.77 -18.00
CA LEU A 284 -6.68 -25.37 -16.73
C LEU A 284 -7.51 -24.13 -16.93
N PHE A 285 -7.59 -23.37 -18.01
CA PHE A 285 -8.59 -22.28 -18.10
C PHE A 285 -9.06 -22.41 -19.56
N GLY A 286 -10.34 -22.66 -19.96
CA GLY A 286 -10.64 -22.87 -21.38
C GLY A 286 -12.02 -22.39 -21.83
N PRO A 287 -12.17 -21.12 -22.27
CA PRO A 287 -13.38 -20.28 -22.20
C PRO A 287 -14.39 -20.02 -23.33
N PRO A 288 -14.58 -20.77 -24.43
CA PRO A 288 -15.13 -20.21 -25.65
C PRO A 288 -16.62 -20.44 -25.85
N GLY A 289 -16.90 -20.10 -27.12
CA GLY A 289 -18.14 -20.27 -27.89
C GLY A 289 -19.40 -20.69 -27.15
N LYS A 290 -19.58 -19.99 -26.02
CA LYS A 290 -20.58 -20.26 -25.00
C LYS A 290 -20.96 -21.74 -24.92
N LYS A 291 -20.24 -22.23 -23.93
CA LYS A 291 -20.40 -23.60 -23.54
C LYS A 291 -21.62 -23.61 -22.62
N ASP A 292 -21.91 -24.82 -22.17
CA ASP A 292 -23.04 -25.04 -21.33
C ASP A 292 -22.78 -24.36 -19.99
N PRO A 293 -23.77 -23.68 -19.40
CA PRO A 293 -23.69 -23.01 -18.10
C PRO A 293 -23.11 -23.77 -16.94
N VAL A 294 -23.41 -25.06 -16.87
CA VAL A 294 -22.85 -25.77 -15.74
C VAL A 294 -21.39 -26.19 -15.94
N LEU A 295 -20.94 -26.04 -17.20
CA LEU A 295 -19.56 -26.37 -17.60
C LEU A 295 -18.54 -25.31 -17.11
N LYS A 296 -19.00 -24.07 -17.06
CA LYS A 296 -18.02 -23.04 -17.05
C LYS A 296 -17.61 -22.66 -15.63
N ASP A 297 -16.35 -22.24 -15.53
CA ASP A 297 -15.69 -21.73 -14.34
C ASP A 297 -15.45 -22.74 -13.25
N LEU A 298 -15.24 -23.97 -13.70
CA LEU A 298 -14.99 -25.03 -12.78
C LEU A 298 -13.56 -24.98 -12.33
N LEU A 299 -13.40 -24.87 -11.02
CA LEU A 299 -12.12 -24.82 -10.33
C LEU A 299 -11.58 -23.44 -10.45
N PHE A 300 -11.35 -22.90 -11.64
CA PHE A 300 -10.81 -21.56 -11.74
C PHE A 300 -11.65 -20.81 -12.80
N LYS A 301 -11.67 -19.47 -12.89
CA LYS A 301 -12.47 -18.78 -13.91
C LYS A 301 -11.87 -19.07 -15.25
N ASP A 302 -12.71 -19.28 -16.25
CA ASP A 302 -12.23 -19.59 -17.59
C ASP A 302 -11.57 -18.42 -18.31
N SER A 303 -12.00 -17.26 -17.84
CA SER A 303 -11.45 -15.97 -18.20
C SER A 303 -9.97 -15.86 -17.91
N ALA A 304 -9.55 -16.63 -16.92
CA ALA A 304 -8.18 -16.64 -16.46
C ALA A 304 -7.15 -17.11 -17.44
N ILE A 305 -6.10 -16.36 -17.23
CA ILE A 305 -4.89 -16.54 -17.99
C ILE A 305 -3.72 -16.91 -17.12
N MET A 306 -3.83 -16.67 -15.83
CA MET A 306 -2.62 -16.69 -15.06
C MET A 306 -2.94 -16.87 -13.60
N LEU A 307 -2.19 -17.71 -12.92
CA LEU A 307 -2.31 -17.85 -11.49
C LEU A 307 -1.02 -17.29 -10.90
N LYS A 308 -1.15 -16.17 -10.18
CA LYS A 308 -0.04 -15.42 -9.59
C LYS A 308 -0.02 -15.69 -8.07
N ARG A 309 1.14 -15.83 -7.42
CA ARG A 309 1.13 -16.09 -5.99
C ARG A 309 0.93 -14.82 -5.20
N VAL A 310 0.37 -15.02 -4.02
CA VAL A 310 0.14 -13.95 -3.10
C VAL A 310 1.36 -13.87 -2.18
N PRO A 311 1.93 -12.68 -2.08
CA PRO A 311 2.82 -12.31 -1.02
C PRO A 311 2.40 -12.76 0.40
N GLU A 312 2.97 -13.82 1.01
CA GLU A 312 2.69 -14.36 2.34
C GLU A 312 2.22 -13.52 3.52
N LEU A 313 2.37 -12.20 3.56
CA LEU A 313 1.95 -11.39 4.69
C LEU A 313 0.53 -10.89 4.51
N MET A 314 0.00 -11.17 3.33
CA MET A 314 -1.33 -10.78 2.92
C MET A 314 -2.44 -11.48 3.70
N ASP A 315 -3.50 -10.79 4.08
CA ASP A 315 -4.59 -11.52 4.69
C ASP A 315 -5.85 -11.02 4.02
N SER A 316 -6.94 -11.77 4.15
CA SER A 316 -8.23 -11.41 3.53
C SER A 316 -8.51 -9.92 3.37
N GLN A 317 -8.45 -9.37 4.57
CA GLN A 317 -8.58 -7.96 4.83
C GLN A 317 -7.73 -7.06 3.95
N LEU A 318 -6.46 -7.41 3.71
CA LEU A 318 -5.55 -6.60 2.89
C LEU A 318 -5.81 -6.75 1.42
N TYR A 319 -6.13 -7.98 1.05
CA TYR A 319 -6.31 -8.36 -0.32
C TYR A 319 -7.50 -7.67 -0.92
N LEU A 320 -8.60 -7.82 -0.20
CA LEU A 320 -9.85 -7.21 -0.63
C LEU A 320 -9.76 -5.70 -0.62
N GLY A 321 -8.78 -5.19 0.13
CA GLY A 321 -8.59 -3.76 0.24
C GLY A 321 -9.63 -3.21 1.21
N PHE A 322 -9.63 -1.89 1.35
CA PHE A 322 -10.46 -1.24 2.33
C PHE A 322 -11.93 -1.26 1.94
N GLU A 323 -12.14 -0.38 0.97
CA GLU A 323 -13.35 -0.17 0.24
C GLU A 323 -14.39 -1.30 0.38
N TYR A 324 -14.09 -2.42 -0.24
CA TYR A 324 -14.97 -3.56 -0.27
C TYR A 324 -15.14 -4.16 1.10
N TYR A 325 -14.04 -4.31 1.84
CA TYR A 325 -14.03 -4.99 3.15
C TYR A 325 -15.06 -4.37 4.08
N SER A 326 -14.97 -3.04 4.18
CA SER A 326 -15.87 -2.28 5.01
C SER A 326 -17.29 -2.25 4.44
N ALA A 327 -17.45 -2.24 3.12
CA ALA A 327 -18.78 -2.32 2.54
C ALA A 327 -19.39 -3.62 3.04
N ILE A 328 -18.58 -4.68 3.00
CA ILE A 328 -19.09 -5.94 3.45
C ILE A 328 -19.30 -5.91 4.95
N GLN A 329 -18.49 -5.24 5.78
CA GLN A 329 -18.80 -5.05 7.20
C GLN A 329 -20.18 -4.55 7.43
N SER A 330 -20.53 -3.51 6.70
CA SER A 330 -21.78 -2.90 6.88
C SER A 330 -22.98 -3.80 6.78
N LEU A 331 -23.27 -4.45 5.67
CA LEU A 331 -24.54 -5.14 5.59
C LEU A 331 -24.48 -6.55 6.10
N ARG A 332 -23.25 -7.08 5.93
CA ARG A 332 -22.96 -8.47 6.24
C ARG A 332 -22.77 -8.57 7.73
N LYS A 333 -22.40 -7.45 8.33
CA LYS A 333 -22.40 -7.45 9.76
C LYS A 333 -23.37 -6.34 10.10
N ASP A 334 -23.28 -5.98 11.36
CA ASP A 334 -24.12 -4.96 11.93
C ASP A 334 -24.23 -3.63 11.19
N GLN A 335 -25.46 -3.23 11.53
CA GLN A 335 -26.11 -1.97 11.27
C GLN A 335 -25.11 -0.94 11.87
N LEU A 336 -24.24 -0.19 11.16
CA LEU A 336 -23.21 0.70 11.74
C LEU A 336 -23.11 2.06 11.03
N THR A 337 -23.88 3.05 11.49
CA THR A 337 -24.06 4.35 10.84
C THR A 337 -23.84 5.79 11.37
N VAL A 338 -22.92 6.18 12.23
CA VAL A 338 -22.61 7.61 12.44
C VAL A 338 -21.13 7.73 12.78
N GLY A 339 -20.25 7.11 11.97
CA GLY A 339 -18.83 7.22 12.25
C GLY A 339 -17.90 7.00 11.06
N PRO A 340 -17.85 7.81 9.99
CA PRO A 340 -16.92 7.58 8.88
C PRO A 340 -15.49 7.89 9.33
N ARG A 341 -15.43 8.97 10.13
CA ARG A 341 -14.18 9.54 10.59
C ARG A 341 -14.25 9.81 12.07
N GLU A 342 -15.06 9.08 12.85
CA GLU A 342 -15.39 9.34 14.25
C GLU A 342 -14.53 10.24 15.14
N ASN A 343 -14.69 11.44 14.58
CA ASN A 343 -14.01 12.71 14.78
C ASN A 343 -13.24 12.76 16.10
N LYS A 344 -12.20 11.94 15.97
CA LYS A 344 -11.26 11.48 16.97
C LYS A 344 -11.14 10.03 16.52
N ILE A 345 -8.28 10.26 16.59
CA ILE A 345 -7.29 9.84 15.65
C ILE A 345 -6.59 8.89 16.58
N GLN A 346 -6.39 7.72 16.01
CA GLN A 346 -5.69 6.65 16.64
C GLN A 346 -4.30 6.93 16.06
N TRP A 347 -3.30 7.34 16.89
CA TRP A 347 -1.95 7.64 16.43
C TRP A 347 -1.30 6.29 16.58
N CYS A 348 -0.52 5.79 15.64
CA CYS A 348 -0.03 4.47 15.84
C CYS A 348 1.44 4.47 16.08
N ALA A 349 1.73 3.94 17.24
CA ALA A 349 3.06 3.98 17.79
C ALA A 349 3.77 2.65 17.66
N VAL A 350 5.11 2.82 17.77
CA VAL A 350 6.11 1.77 17.70
C VAL A 350 6.83 1.69 19.05
N GLY A 351 6.75 0.60 19.82
CA GLY A 351 7.53 0.45 21.05
C GLY A 351 6.94 1.11 22.30
N LYS A 352 6.90 0.35 23.44
CA LYS A 352 6.30 0.78 24.74
C LYS A 352 6.59 2.21 25.12
N ASP A 353 7.83 2.61 24.82
CA ASP A 353 8.29 3.95 25.08
C ASP A 353 7.42 5.02 24.40
N GLU A 354 7.24 4.79 23.10
CA GLU A 354 6.40 5.62 22.27
C GLU A 354 4.98 5.71 22.77
N LYS A 355 4.57 4.55 23.25
CA LYS A 355 3.24 4.42 23.82
C LYS A 355 3.18 5.38 24.98
N SER A 356 4.07 5.27 25.96
CA SER A 356 4.12 6.12 27.14
C SER A 356 3.96 7.58 26.84
N LYS A 357 4.69 8.02 25.82
CA LYS A 357 4.60 9.40 25.39
C LYS A 357 3.23 9.66 24.77
N CYS A 358 2.71 8.74 23.97
CA CYS A 358 1.41 8.97 23.40
C CYS A 358 0.39 8.98 24.51
N ASP A 359 0.57 8.17 25.55
CA ASP A 359 -0.31 8.16 26.70
C ASP A 359 -0.33 9.53 27.37
N ARG A 360 0.84 10.18 27.46
CA ARG A 360 0.83 11.56 27.90
C ARG A 360 -0.02 12.42 26.98
N TRP A 361 0.19 12.28 25.67
CA TRP A 361 -0.51 13.06 24.68
C TRP A 361 -2.00 13.00 24.89
N SER A 362 -2.44 11.74 24.99
CA SER A 362 -3.84 11.32 25.15
C SER A 362 -4.52 12.21 26.21
N VAL A 363 -3.96 12.01 27.39
CA VAL A 363 -4.38 12.66 28.60
C VAL A 363 -4.52 14.17 28.43
N VAL A 364 -3.42 14.87 28.20
CA VAL A 364 -3.42 16.31 28.13
C VAL A 364 -4.29 16.90 27.02
N SER A 365 -4.55 16.16 25.95
CA SER A 365 -5.41 16.68 24.90
C SER A 365 -6.88 16.50 25.25
N ASN A 366 -7.10 15.84 26.39
CA ASN A 366 -8.41 15.36 26.80
C ASN A 366 -8.94 14.41 25.77
N GLY A 367 -8.08 13.48 25.46
CA GLY A 367 -8.44 12.41 24.56
C GLY A 367 -8.74 12.77 23.10
N GLU A 368 -8.34 13.94 22.59
CA GLU A 368 -8.53 14.19 21.17
C GLU A 368 -7.84 13.15 20.30
N VAL A 369 -6.64 12.71 20.69
CA VAL A 369 -5.92 11.69 19.97
C VAL A 369 -5.79 10.56 21.00
N GLU A 370 -5.92 9.34 20.49
CA GLU A 370 -5.86 8.11 21.26
C GLU A 370 -4.71 7.32 20.59
N CYS A 371 -4.29 6.21 21.16
CA CYS A 371 -3.04 5.61 20.74
C CYS A 371 -3.02 4.12 20.54
N THR A 372 -2.34 3.68 19.49
CA THR A 372 -2.22 2.28 19.30
C THR A 372 -0.74 2.02 19.32
N ILE A 373 -0.41 0.77 19.41
CA ILE A 373 0.92 0.37 19.68
C ILE A 373 1.13 -0.89 18.92
N LEU A 374 2.37 -0.94 18.53
CA LEU A 374 2.91 -2.03 17.83
C LEU A 374 4.33 -2.23 18.17
N ASP A 375 4.92 -3.16 17.42
CA ASP A 375 6.32 -3.46 17.55
C ASP A 375 7.11 -2.98 16.36
N ASP A 376 6.48 -2.36 15.34
CA ASP A 376 7.17 -2.02 14.10
C ASP A 376 6.60 -0.81 13.40
N ASN A 377 7.40 -0.22 12.53
CA ASN A 377 6.89 0.77 11.61
C ASN A 377 6.09 -0.04 10.62
N LYS A 378 6.69 -1.15 10.13
CA LYS A 378 6.12 -2.18 9.22
C LYS A 378 4.67 -2.44 9.49
N ASP A 379 4.52 -2.86 10.72
CA ASP A 379 3.20 -3.09 11.20
C ASP A 379 2.37 -1.84 11.27
N CYS A 380 2.68 -0.72 11.91
CA CYS A 380 1.76 0.43 12.01
C CYS A 380 1.16 0.89 10.71
N ILE A 381 1.91 0.76 9.63
CA ILE A 381 1.42 1.08 8.32
C ILE A 381 0.29 0.14 8.08
N VAL A 382 0.46 -1.16 8.26
CA VAL A 382 -0.63 -2.08 8.01
C VAL A 382 -1.86 -1.70 8.83
N LYS A 383 -1.75 -1.31 10.09
CA LYS A 383 -2.90 -0.85 10.87
C LYS A 383 -3.48 0.41 10.27
N ILE A 384 -2.68 1.15 9.53
CA ILE A 384 -3.13 2.32 8.82
C ILE A 384 -3.76 1.82 7.55
N THR A 385 -3.19 0.94 6.73
CA THR A 385 -3.85 0.46 5.54
C THR A 385 -5.20 -0.23 5.86
N LYS A 386 -5.29 -0.80 7.06
CA LYS A 386 -6.46 -1.53 7.51
C LYS A 386 -7.44 -0.71 8.30
N GLY A 387 -7.16 0.57 8.50
CA GLY A 387 -8.06 1.44 9.24
C GLY A 387 -8.23 1.21 10.76
N GLU A 388 -7.24 0.53 11.33
CA GLU A 388 -7.15 0.31 12.75
C GLU A 388 -6.34 1.43 13.36
N ALA A 389 -5.57 2.15 12.56
CA ALA A 389 -4.82 3.26 13.05
C ALA A 389 -5.03 4.30 11.99
N ASP A 390 -4.76 5.52 12.38
CA ASP A 390 -4.90 6.59 11.45
C ASP A 390 -3.67 7.18 10.82
N ALA A 391 -2.73 7.63 11.66
CA ALA A 391 -1.54 8.28 11.19
C ALA A 391 -0.36 7.86 12.03
N ILE A 392 0.78 8.03 11.38
CA ILE A 392 2.08 7.86 11.96
C ILE A 392 3.09 8.81 11.33
N SER A 393 4.03 9.29 12.15
CA SER A 393 5.13 10.06 11.61
C SER A 393 6.10 9.06 10.93
N LEU A 394 6.30 9.18 9.61
CA LEU A 394 7.27 8.36 8.92
C LEU A 394 8.57 8.97 8.35
N ASP A 395 9.64 8.16 8.32
CA ASP A 395 10.89 8.54 7.68
C ASP A 395 10.76 8.46 6.17
N GLY A 396 11.56 9.30 5.56
CA GLY A 396 11.77 9.43 4.14
C GLY A 396 11.67 8.11 3.42
N GLY A 397 12.36 7.12 3.96
CA GLY A 397 12.18 5.78 3.44
C GLY A 397 10.71 5.33 3.54
N PHE A 398 10.26 5.16 4.79
CA PHE A 398 8.93 4.69 5.11
C PHE A 398 7.78 5.23 4.32
N VAL A 399 7.96 6.51 4.10
CA VAL A 399 7.11 7.33 3.25
C VAL A 399 6.89 6.76 1.87
N TYR A 400 7.97 6.37 1.19
CA TYR A 400 7.88 5.80 -0.13
C TYR A 400 6.93 4.62 -0.10
N THR A 401 7.26 3.67 0.79
CA THR A 401 6.51 2.43 0.97
C THR A 401 5.09 2.80 1.25
N ALA A 402 4.78 3.46 2.35
CA ALA A 402 3.44 3.89 2.66
C ALA A 402 2.76 4.59 1.50
N GLY A 403 3.48 5.46 0.81
CA GLY A 403 2.98 6.14 -0.37
C GLY A 403 2.61 5.17 -1.49
N VAL A 404 3.39 4.12 -1.59
CA VAL A 404 3.04 3.06 -2.49
C VAL A 404 1.83 2.44 -1.85
N CYS A 405 1.77 2.13 -0.53
CA CYS A 405 0.56 1.61 0.11
C CYS A 405 -0.52 2.69 0.26
N GLY A 406 -0.41 3.78 -0.47
CA GLY A 406 -1.56 4.67 -0.58
C GLY A 406 -1.76 5.63 0.54
N LEU A 407 -0.74 5.69 1.33
CA LEU A 407 -0.79 6.59 2.41
C LEU A 407 -0.16 7.81 1.80
N VAL A 408 -0.83 8.90 2.07
CA VAL A 408 -0.44 10.21 1.59
C VAL A 408 0.19 11.01 2.75
N PRO A 409 1.31 11.72 2.55
CA PRO A 409 1.86 12.74 3.45
C PRO A 409 0.92 13.87 3.82
N VAL A 410 1.03 14.26 5.07
CA VAL A 410 0.17 15.29 5.62
C VAL A 410 0.97 16.46 6.14
N VAL A 411 1.68 16.27 7.24
CA VAL A 411 2.49 17.34 7.80
C VAL A 411 3.86 16.72 7.86
N GLY A 412 4.76 17.55 7.39
CA GLY A 412 6.17 17.26 7.30
C GLY A 412 6.82 17.94 8.50
N GLU A 413 7.82 17.26 9.02
CA GLU A 413 8.56 17.69 10.20
C GLU A 413 9.58 18.76 9.82
N SER A 414 9.52 19.96 10.40
CA SER A 414 10.56 20.92 10.16
C SER A 414 11.24 21.19 11.49
N TYR A 415 12.52 21.27 11.23
CA TYR A 415 13.49 21.30 12.30
C TYR A 415 14.13 22.64 12.56
N GLU A 416 13.68 23.72 11.93
CA GLU A 416 14.18 25.04 12.29
C GLU A 416 12.94 25.82 12.67
N ASP A 417 12.94 26.13 13.96
CA ASP A 417 11.94 26.96 14.64
C ASP A 417 11.91 28.40 14.15
N GLU A 418 12.59 28.67 13.04
CA GLU A 418 12.90 30.01 12.64
C GLU A 418 12.55 30.24 11.18
N THR A 419 12.50 29.17 10.40
CA THR A 419 12.36 29.32 8.98
C THR A 419 11.00 29.12 8.33
N GLN A 420 10.63 27.86 8.22
CA GLN A 420 9.44 27.47 7.53
C GLN A 420 8.54 27.08 8.67
N CYS A 421 7.57 27.89 9.04
CA CYS A 421 6.77 27.58 10.21
C CYS A 421 5.27 27.87 10.12
N SER A 422 4.76 28.67 9.15
CA SER A 422 3.32 29.00 9.06
C SER A 422 2.96 29.65 7.70
N LYS A 423 3.27 30.94 7.65
CA LYS A 423 3.27 31.76 6.44
C LYS A 423 4.71 31.45 6.01
N ASP A 424 5.59 31.57 7.04
CA ASP A 424 7.01 31.24 7.13
C ASP A 424 7.37 29.93 6.41
N GLU A 425 6.40 29.01 6.33
CA GLU A 425 6.66 27.72 5.75
C GLU A 425 6.42 27.78 4.24
N GLU A 426 7.31 27.16 3.47
CA GLU A 426 7.13 27.08 2.03
C GLU A 426 7.07 25.59 1.68
N GLN A 427 8.05 24.82 2.16
CA GLN A 427 8.14 23.35 2.20
C GLN A 427 9.13 23.16 3.35
N PRO A 428 9.08 22.17 4.26
CA PRO A 428 10.13 21.94 5.28
C PRO A 428 11.52 21.61 4.71
N ALA A 429 12.49 22.24 5.35
CA ALA A 429 13.90 22.15 4.97
C ALA A 429 14.60 20.87 5.33
N TYR A 430 14.69 20.10 4.23
CA TYR A 430 15.41 18.83 4.24
C TYR A 430 16.90 18.99 4.58
N TYR A 431 17.80 17.98 4.45
CA TYR A 431 19.22 18.31 4.54
C TYR A 431 19.84 18.15 3.19
N PHE A 432 20.83 17.32 2.74
CA PHE A 432 20.97 17.47 1.33
C PHE A 432 20.15 16.35 0.75
N ALA A 433 22.85 14.66 0.37
CA ALA A 433 23.64 13.47 0.25
C ALA A 433 24.64 13.95 -0.79
N VAL A 434 25.94 13.72 -0.69
CA VAL A 434 26.89 14.18 -1.69
C VAL A 434 28.14 13.26 -1.61
N ALA A 435 28.90 13.07 -2.70
CA ALA A 435 30.02 12.15 -2.72
C ALA A 435 31.12 13.14 -2.76
N VAL A 436 31.88 13.15 -1.68
CA VAL A 436 33.01 14.03 -1.52
C VAL A 436 34.27 13.22 -1.86
N VAL A 437 35.38 13.86 -2.27
CA VAL A 437 36.66 13.22 -2.60
C VAL A 437 37.68 14.28 -2.26
N LYS A 438 38.91 14.09 -2.71
CA LYS A 438 40.04 14.98 -2.48
C LYS A 438 40.57 15.62 -3.81
N LYS A 439 41.90 15.82 -3.95
CA LYS A 439 42.57 16.55 -5.05
C LYS A 439 42.42 16.10 -6.49
N SER A 440 43.00 14.93 -6.70
CA SER A 440 43.11 14.21 -7.95
C SER A 440 41.87 14.36 -8.80
N SER A 441 41.82 15.37 -9.65
CA SER A 441 40.68 15.59 -10.53
C SER A 441 40.72 14.56 -11.69
N ALA A 442 40.78 13.30 -11.29
CA ALA A 442 40.78 12.14 -12.16
C ALA A 442 39.42 11.44 -11.97
N ILE A 443 38.92 11.58 -10.76
CA ILE A 443 37.79 10.82 -10.35
C ILE A 443 36.58 11.61 -10.69
N THR A 444 35.58 10.87 -11.11
CA THR A 444 34.29 11.40 -11.46
C THR A 444 33.30 10.32 -11.08
N TRP A 445 32.03 10.71 -11.04
CA TRP A 445 30.94 9.80 -10.70
C TRP A 445 30.86 8.57 -11.60
N ASN A 446 30.76 8.74 -12.91
CA ASN A 446 30.65 7.61 -13.83
C ASN A 446 31.93 6.78 -13.95
N ASN A 447 32.97 7.13 -13.21
CA ASN A 447 34.18 6.36 -13.29
C ASN A 447 34.45 5.71 -11.93
N LEU A 448 33.54 5.91 -10.97
CA LEU A 448 33.67 5.42 -9.60
C LEU A 448 33.85 3.91 -9.39
N GLN A 449 33.44 3.08 -10.35
CA GLN A 449 33.55 1.63 -10.18
C GLN A 449 35.00 1.23 -9.97
N GLY A 450 35.17 0.43 -8.91
CA GLY A 450 36.48 -0.09 -8.58
C GLY A 450 37.36 0.84 -7.74
N LYS A 451 36.87 1.99 -7.31
CA LYS A 451 37.64 2.82 -6.39
C LYS A 451 37.49 2.32 -4.95
N LYS A 452 38.02 2.98 -3.95
CA LYS A 452 37.87 2.50 -2.61
C LYS A 452 36.86 3.43 -1.99
N SER A 453 35.61 3.04 -1.64
CA SER A 453 34.77 3.99 -0.90
C SER A 453 34.52 3.78 0.57
N CYS A 454 34.24 4.88 1.22
CA CYS A 454 34.03 4.95 2.65
C CYS A 454 32.57 5.32 2.85
N HIS A 455 31.78 4.68 3.70
CA HIS A 455 30.35 4.99 3.81
C HIS A 455 29.98 5.15 5.27
N THR A 456 28.99 6.00 5.64
CA THR A 456 28.61 6.34 7.01
C THR A 456 28.30 5.20 7.98
N ALA A 457 27.60 4.19 7.41
CA ALA A 457 27.19 2.91 7.98
C ALA A 457 26.20 2.38 7.01
N VAL A 458 25.99 1.08 6.91
CA VAL A 458 24.99 0.63 5.96
C VAL A 458 23.62 0.97 6.51
N GLY A 459 22.62 0.95 5.62
CA GLY A 459 21.22 1.20 5.99
C GLY A 459 20.95 2.64 6.40
N ARG A 460 21.89 3.51 6.09
CA ARG A 460 21.73 4.89 6.43
C ARG A 460 21.51 5.64 5.13
N THR A 461 20.75 6.73 5.13
CA THR A 461 20.49 7.57 3.98
C THR A 461 21.71 7.97 3.16
N ALA A 462 22.37 8.94 3.77
CA ALA A 462 23.57 9.58 3.30
C ALA A 462 24.72 8.72 2.78
N GLY A 463 25.19 7.79 3.60
CA GLY A 463 26.33 6.99 3.28
C GLY A 463 25.98 5.73 2.56
N TRP A 464 24.76 5.21 2.76
CA TRP A 464 24.50 3.95 2.15
C TRP A 464 23.43 3.95 1.10
N ASN A 465 22.20 4.33 1.47
CA ASN A 465 21.05 4.24 0.60
C ASN A 465 21.14 5.05 -0.67
N ILE A 466 21.39 6.35 -0.62
CA ILE A 466 21.38 7.18 -1.80
C ILE A 466 22.49 6.75 -2.77
N PRO A 467 23.80 6.70 -2.47
CA PRO A 467 24.83 6.32 -3.41
C PRO A 467 24.51 5.00 -4.03
N MET A 468 24.32 3.98 -3.20
CA MET A 468 24.11 2.63 -3.65
C MET A 468 22.81 2.51 -4.45
N GLY A 469 21.79 3.29 -4.13
CA GLY A 469 20.54 3.27 -4.85
C GLY A 469 20.83 3.70 -6.28
N LEU A 470 21.34 4.92 -6.38
CA LEU A 470 21.74 5.54 -7.65
C LEU A 470 22.62 4.68 -8.55
N ILE A 471 23.61 4.12 -7.88
CA ILE A 471 24.57 3.21 -8.48
C ILE A 471 23.83 1.98 -9.02
N HIS A 472 22.90 1.44 -8.24
CA HIS A 472 22.15 0.29 -8.69
C HIS A 472 21.28 0.70 -9.88
N ASN A 473 20.93 1.99 -10.04
CA ASN A 473 20.13 2.45 -11.17
C ASN A 473 20.91 2.20 -12.42
N LYS A 474 22.18 2.55 -12.27
CA LYS A 474 23.05 2.32 -13.36
C LYS A 474 23.30 0.84 -13.50
N THR A 475 23.63 0.02 -12.49
CA THR A 475 24.01 -1.37 -12.75
C THR A 475 23.02 -2.50 -12.97
N GLY A 476 21.83 -2.37 -12.41
CA GLY A 476 20.87 -3.48 -12.44
C GLY A 476 21.22 -4.69 -11.58
N SER A 477 22.22 -4.64 -10.70
CA SER A 477 22.53 -5.80 -9.91
C SER A 477 22.51 -5.34 -8.47
N CYS A 478 22.28 -6.25 -7.56
CA CYS A 478 22.30 -5.99 -6.15
C CYS A 478 23.72 -6.36 -5.71
N ASP A 479 24.73 -6.00 -6.51
CA ASP A 479 26.12 -6.39 -6.29
C ASP A 479 26.92 -5.71 -5.18
N PHE A 480 26.41 -4.59 -4.67
CA PHE A 480 27.05 -3.63 -3.74
C PHE A 480 28.52 -3.65 -3.44
N ASP A 481 28.86 -4.81 -2.88
CA ASP A 481 30.22 -5.13 -2.56
C ASP A 481 31.05 -5.01 -3.83
N ASP A 482 30.67 -5.86 -4.77
CA ASP A 482 31.32 -5.97 -6.05
C ASP A 482 30.82 -4.91 -7.06
N TYR A 483 31.26 -3.72 -6.74
CA TYR A 483 31.12 -2.53 -7.53
C TYR A 483 32.42 -1.78 -7.28
N PHE A 484 32.77 -1.61 -5.99
CA PHE A 484 34.02 -0.96 -5.62
C PHE A 484 35.09 -2.08 -5.40
N SER A 485 36.37 -1.73 -5.36
CA SER A 485 37.47 -2.65 -5.17
C SER A 485 37.48 -3.20 -3.76
N GLU A 486 37.21 -2.25 -2.87
CA GLU A 486 37.06 -2.46 -1.44
C GLU A 486 36.88 -1.07 -0.85
N GLY A 487 36.37 -0.99 0.38
CA GLY A 487 36.13 0.28 1.04
C GLY A 487 35.68 0.05 2.49
N CYS A 488 34.91 0.94 3.10
CA CYS A 488 34.37 0.77 4.45
C CYS A 488 32.89 1.11 4.43
N ALA A 489 32.08 0.25 4.98
CA ALA A 489 30.66 0.49 5.12
C ALA A 489 30.40 -0.25 6.41
N PRO A 490 30.26 0.44 7.52
CA PRO A 490 30.21 -0.16 8.86
C PRO A 490 29.17 -1.22 8.93
N GLY A 491 29.54 -2.32 9.56
CA GLY A 491 28.60 -3.39 9.77
C GLY A 491 28.52 -4.28 8.57
N SER A 492 29.34 -4.02 7.57
CA SER A 492 29.39 -4.93 6.48
C SER A 492 29.88 -6.27 6.99
N PRO A 493 29.53 -7.36 6.28
CA PRO A 493 29.86 -8.71 6.70
C PRO A 493 31.36 -8.90 6.57
N PRO A 494 32.22 -9.17 7.55
CA PRO A 494 33.65 -8.96 7.43
C PRO A 494 34.40 -9.50 6.23
N ASN A 495 33.86 -10.43 5.47
CA ASN A 495 34.55 -10.89 4.27
C ASN A 495 34.33 -9.95 3.09
N SER A 496 33.36 -9.07 3.31
CA SER A 496 33.00 -8.11 2.32
C SER A 496 34.17 -7.19 2.13
N ARG A 497 34.46 -6.96 0.85
CA ARG A 497 35.47 -6.02 0.43
C ARG A 497 35.23 -4.65 1.04
N LEU A 498 34.00 -4.32 1.41
CA LEU A 498 33.68 -3.04 2.01
C LEU A 498 33.84 -3.00 3.55
N CYS A 499 34.58 -4.00 4.03
CA CYS A 499 35.11 -4.09 5.36
C CYS A 499 36.65 -4.06 5.26
N LYS A 500 37.26 -4.25 4.08
CA LYS A 500 38.68 -4.29 3.95
C LYS A 500 39.42 -3.13 4.58
N LEU A 501 38.99 -1.90 4.36
CA LEU A 501 39.75 -0.78 4.86
C LEU A 501 39.49 -0.35 6.28
N CYS A 502 38.41 -0.83 6.85
CA CYS A 502 37.97 -0.40 8.16
C CYS A 502 39.01 -0.71 9.20
N GLN A 503 39.18 0.24 10.10
CA GLN A 503 40.22 0.05 11.09
C GLN A 503 39.75 -0.32 12.52
N GLY A 504 38.45 -0.31 12.81
CA GLY A 504 37.99 -0.69 14.13
C GLY A 504 38.43 0.32 15.16
N SER A 505 38.63 -0.02 16.43
CA SER A 505 38.97 1.00 17.41
C SER A 505 40.40 1.50 17.27
N GLY A 506 40.60 2.52 16.42
CA GLY A 506 41.94 2.95 16.10
C GLY A 506 42.48 1.82 15.23
N GLU A 507 43.38 1.00 15.81
CA GLU A 507 43.82 -0.26 15.24
C GLU A 507 44.13 -1.20 16.43
N ASN A 508 43.67 -0.99 17.69
CA ASN A 508 44.01 -1.98 18.72
C ASN A 508 42.96 -3.06 18.76
N LEU A 509 43.17 -4.11 17.97
CA LEU A 509 42.37 -5.34 17.95
C LEU A 509 40.86 -5.18 17.75
N LEU A 510 40.24 -4.89 18.89
CA LEU A 510 38.82 -4.92 19.14
C LEU A 510 37.75 -5.13 18.06
N GLU A 511 37.25 -4.12 17.35
CA GLU A 511 36.02 -4.30 16.61
C GLU A 511 36.18 -3.93 15.17
N LYS A 512 36.86 -4.77 14.38
CA LYS A 512 37.22 -4.37 13.03
C LYS A 512 36.11 -3.76 12.18
N CYS A 513 34.85 -4.17 12.21
CA CYS A 513 33.91 -3.63 11.23
C CYS A 513 32.51 -3.32 11.77
N VAL A 514 32.44 -2.77 12.97
CA VAL A 514 31.15 -2.59 13.57
C VAL A 514 30.57 -1.22 13.31
N ALA A 515 29.26 -1.21 13.20
CA ALA A 515 28.56 0.02 13.01
C ALA A 515 28.26 0.53 14.42
N SER A 516 29.30 1.15 14.93
CA SER A 516 29.24 1.82 16.22
C SER A 516 30.47 2.68 16.37
N SER A 517 30.51 3.67 17.24
CA SER A 517 31.72 4.46 17.50
C SER A 517 32.90 3.72 18.14
N HIS A 518 32.92 2.40 18.00
CA HIS A 518 34.00 1.58 18.46
C HIS A 518 34.66 1.18 17.14
N GLU A 519 34.46 1.95 16.07
CA GLU A 519 35.05 1.72 14.77
C GLU A 519 35.66 3.05 14.39
N LYS A 520 36.83 3.02 13.75
CA LYS A 520 37.57 4.22 13.43
C LYS A 520 36.92 5.15 12.43
N TYR A 521 36.19 4.59 11.48
CA TYR A 521 35.58 5.39 10.42
C TYR A 521 34.07 5.50 10.49
N TYR A 522 33.49 5.39 11.65
CA TYR A 522 32.05 5.42 11.75
C TYR A 522 31.45 6.82 11.88
N GLY A 523 30.31 6.92 11.20
CA GLY A 523 29.51 8.14 11.14
C GLY A 523 29.94 9.05 9.98
N TYR A 524 29.47 10.30 9.97
CA TYR A 524 29.86 11.20 8.91
C TYR A 524 31.31 11.55 9.12
N THR A 525 31.64 11.94 10.33
CA THR A 525 33.01 12.25 10.68
C THR A 525 33.99 11.15 10.37
N GLY A 526 33.68 9.95 10.83
CA GLY A 526 34.62 8.86 10.63
C GLY A 526 34.88 8.69 9.14
N ALA A 527 33.80 8.68 8.38
CA ALA A 527 33.93 8.61 6.96
C ALA A 527 34.74 9.78 6.37
N LEU A 528 34.59 11.04 6.79
CA LEU A 528 35.45 12.14 6.30
C LEU A 528 36.91 11.84 6.57
N ARG A 529 37.21 11.22 7.69
CA ARG A 529 38.55 10.80 8.00
C ARG A 529 38.94 9.63 7.14
N CYS A 530 37.98 8.80 6.79
CA CYS A 530 38.21 7.69 5.92
C CYS A 530 38.55 8.11 4.51
N LEU A 531 38.09 9.23 3.96
CA LEU A 531 38.54 9.75 2.65
C LEU A 531 40.03 10.03 2.79
N VAL A 532 40.32 10.67 3.93
CA VAL A 532 41.66 11.09 4.37
C VAL A 532 42.70 9.97 4.63
N GLU A 533 42.49 8.87 5.38
CA GLU A 533 43.54 7.88 5.55
C GLU A 533 43.62 6.97 4.31
N GLN A 534 42.47 6.57 3.76
CA GLN A 534 42.52 5.55 2.72
C GLN A 534 41.57 5.69 1.54
N GLY A 535 40.29 5.90 1.80
CA GLY A 535 39.30 5.95 0.75
C GLY A 535 39.46 7.07 -0.26
N ASP A 536 38.91 6.68 -1.39
CA ASP A 536 38.81 7.48 -2.59
C ASP A 536 37.50 8.25 -2.63
N VAL A 537 36.34 7.64 -2.24
CA VAL A 537 35.08 8.36 -2.33
C VAL A 537 34.35 8.26 -1.01
N ALA A 538 33.83 9.38 -0.53
CA ALA A 538 33.12 9.50 0.72
C ALA A 538 31.72 9.88 0.34
N PHE A 539 30.75 9.21 0.94
CA PHE A 539 29.34 9.52 0.74
C PHE A 539 28.81 10.14 2.04
N ILE A 540 28.31 11.38 2.03
CA ILE A 540 27.97 12.03 3.28
C ILE A 540 26.97 13.14 3.12
N LYS A 541 26.66 13.80 4.21
CA LYS A 541 25.76 14.91 4.10
C LYS A 541 26.57 16.18 3.91
N HIS A 542 25.94 17.19 3.37
CA HIS A 542 26.66 18.38 3.05
C HIS A 542 27.28 19.18 4.18
N SER A 543 27.09 18.86 5.44
CA SER A 543 27.74 19.67 6.46
C SER A 543 29.05 19.07 6.94
N THR A 544 29.31 17.84 6.53
CA THR A 544 30.48 17.12 6.99
C THR A 544 31.80 17.80 6.66
N VAL A 545 32.05 18.32 5.44
CA VAL A 545 33.34 18.94 5.17
C VAL A 545 33.52 20.09 6.12
N GLY A 546 32.52 20.97 6.10
CA GLY A 546 32.58 22.21 6.87
C GLY A 546 32.14 22.07 8.30
N GLU A 547 32.63 21.03 8.94
CA GLU A 547 32.35 20.83 10.34
C GLU A 547 33.60 20.31 10.97
N ASN A 548 34.56 19.89 10.15
CA ASN A 548 35.78 19.33 10.66
C ASN A 548 37.02 19.98 10.14
N VAL A 549 36.93 20.63 8.98
CA VAL A 549 38.13 21.06 8.32
C VAL A 549 38.80 22.31 8.90
N SER A 550 38.45 23.58 8.65
CA SER A 550 39.35 24.65 9.02
C SER A 550 39.08 25.10 10.45
N GLY A 551 39.86 24.40 11.26
CA GLY A 551 39.91 24.55 12.69
C GLY A 551 38.58 24.23 13.29
N SER A 552 37.90 23.26 12.71
CA SER A 552 36.63 22.91 13.28
C SER A 552 36.80 21.60 14.03
N ASN A 553 37.53 20.60 13.51
CA ASN A 553 37.80 19.36 14.21
C ASN A 553 39.26 19.51 14.48
N LYS A 554 39.56 19.32 15.73
CA LYS A 554 40.92 19.37 16.14
C LYS A 554 41.43 17.96 16.39
N ASP A 555 41.26 16.99 15.51
CA ASP A 555 41.90 15.73 15.83
C ASP A 555 43.06 15.66 14.89
N ASP A 556 44.04 14.87 15.27
CA ASP A 556 45.25 14.86 14.52
C ASP A 556 45.12 14.47 13.08
N TRP A 557 44.25 13.53 12.67
CA TRP A 557 44.06 13.27 11.23
C TRP A 557 43.67 14.57 10.50
N ALA A 558 42.87 15.38 11.22
CA ALA A 558 42.34 16.61 10.67
C ALA A 558 43.21 17.85 10.80
N LYS A 559 44.20 17.91 11.69
CA LYS A 559 44.95 19.15 11.94
C LYS A 559 45.28 20.08 10.77
N GLY A 560 45.76 19.65 9.61
CA GLY A 560 46.05 20.59 8.52
C GLY A 560 44.97 20.66 7.45
N LEU A 561 43.73 20.31 7.77
CA LEU A 561 42.76 20.22 6.72
C LEU A 561 41.98 21.50 6.47
N THR A 562 41.76 21.79 5.18
CA THR A 562 40.99 22.95 4.81
C THR A 562 40.15 22.68 3.58
N ARG A 563 39.04 23.38 3.45
CA ARG A 563 38.10 23.04 2.40
C ARG A 563 38.50 22.93 0.93
N ASP A 564 39.55 23.52 0.36
CA ASP A 564 39.85 23.30 -1.07
C ASP A 564 40.45 21.90 -1.28
N ASP A 565 40.67 21.21 -0.17
CA ASP A 565 41.17 19.87 -0.22
C ASP A 565 40.02 18.96 -0.72
N PHE A 566 38.73 19.36 -0.71
CA PHE A 566 37.65 18.45 -1.04
C PHE A 566 36.61 18.97 -2.03
N GLU A 567 36.31 18.16 -3.03
CA GLU A 567 35.34 18.54 -4.04
C GLU A 567 34.13 17.63 -4.08
N LEU A 568 33.09 18.11 -4.75
CA LEU A 568 31.86 17.36 -4.90
C LEU A 568 31.79 16.72 -6.27
N LEU A 569 31.30 15.49 -6.27
CA LEU A 569 31.08 14.75 -7.47
C LEU A 569 29.67 15.06 -7.87
N CYS A 570 29.49 15.68 -9.02
CA CYS A 570 28.17 15.94 -9.53
C CYS A 570 27.71 14.72 -10.32
N THR A 571 26.40 14.43 -10.33
CA THR A 571 25.83 13.30 -11.04
C THR A 571 25.98 13.38 -12.55
N ASN A 572 25.83 14.60 -13.03
CA ASN A 572 26.05 14.97 -14.43
C ASN A 572 27.45 14.63 -14.95
N GLY A 573 28.39 14.25 -14.09
CA GLY A 573 29.73 13.90 -14.52
C GLY A 573 30.82 14.85 -14.05
N LYS A 574 30.43 16.11 -13.86
CA LYS A 574 31.31 17.18 -13.44
C LYS A 574 31.57 17.19 -11.93
N ARG A 575 32.37 18.14 -11.44
CA ARG A 575 32.75 18.26 -10.03
C ARG A 575 32.58 19.69 -9.50
N ALA A 576 32.70 19.94 -8.18
CA ALA A 576 32.54 21.30 -7.67
C ALA A 576 33.08 21.55 -6.27
N LYS A 577 32.89 22.78 -5.74
CA LYS A 577 33.36 23.25 -4.44
C LYS A 577 32.45 22.72 -3.36
N THR A 578 32.97 22.09 -2.31
CA THR A 578 32.12 21.66 -1.23
C THR A 578 31.06 22.68 -0.85
N MET A 579 31.46 23.92 -0.72
CA MET A 579 30.58 25.03 -0.42
C MET A 579 29.45 25.26 -1.42
N ASP A 580 29.20 24.36 -2.38
CA ASP A 580 28.26 24.51 -3.47
C ASP A 580 27.28 23.32 -3.51
N TYR A 581 26.25 23.29 -2.65
CA TYR A 581 25.30 22.17 -2.53
C TYR A 581 24.01 21.97 -3.23
N LYS A 582 23.14 22.97 -3.24
CA LYS A 582 21.85 22.80 -3.87
C LYS A 582 22.01 22.48 -5.34
N THR A 583 23.14 22.84 -5.91
CA THR A 583 23.41 22.53 -7.29
C THR A 583 24.13 21.21 -7.56
N CYS A 584 25.16 20.89 -6.77
CA CYS A 584 25.88 19.65 -6.97
C CYS A 584 25.59 18.77 -5.73
N HIS A 585 24.84 17.65 -5.93
CA HIS A 585 24.47 16.66 -4.90
C HIS A 585 23.94 15.37 -5.52
N LEU A 586 24.10 14.29 -4.75
CA LEU A 586 23.57 13.02 -5.13
C LEU A 586 22.09 13.04 -4.90
N ALA A 587 21.66 13.65 -3.80
CA ALA A 587 20.25 13.86 -3.48
C ALA A 587 20.16 14.60 -2.16
N LYS A 588 19.22 17.00 0.00
CA LYS A 588 17.88 16.68 -0.42
C LYS A 588 16.99 15.51 -0.12
N VAL A 589 17.39 14.87 0.94
CA VAL A 589 16.60 13.88 1.56
C VAL A 589 15.62 14.66 2.45
N PRO A 590 14.31 14.66 2.15
CA PRO A 590 13.28 15.33 2.93
C PRO A 590 13.11 14.75 4.34
N THR A 591 12.46 15.53 5.17
CA THR A 591 12.22 15.23 6.58
C THR A 591 11.34 14.01 6.90
N HIS A 592 10.89 13.82 8.14
CA HIS A 592 9.91 12.76 8.35
C HIS A 592 8.62 13.46 8.01
N ALA A 593 7.59 12.77 7.59
CA ALA A 593 6.28 13.37 7.33
C ALA A 593 5.23 12.48 8.00
N VAL A 594 3.97 12.82 8.37
CA VAL A 594 3.09 11.75 8.83
C VAL A 594 2.24 11.35 7.65
N VAL A 595 1.89 10.09 7.60
CA VAL A 595 1.12 9.66 6.47
C VAL A 595 -0.10 9.04 7.07
N ALA A 596 -1.16 9.07 6.28
CA ALA A 596 -2.40 8.39 6.58
C ALA A 596 -3.04 8.06 5.25
N ARG A 597 -4.23 7.55 5.35
CA ARG A 597 -5.00 7.27 4.17
C ARG A 597 -5.55 8.64 3.74
N PRO A 598 -5.91 8.90 2.48
CA PRO A 598 -6.37 10.20 1.99
C PRO A 598 -7.53 10.75 2.75
N GLU A 599 -8.39 9.85 3.17
CA GLU A 599 -9.60 10.25 3.87
C GLU A 599 -9.34 10.90 5.19
N LYS A 600 -8.38 10.34 5.90
CA LYS A 600 -8.09 10.92 7.19
C LYS A 600 -7.30 12.21 7.07
N ALA A 601 -6.63 12.37 5.92
CA ALA A 601 -5.80 13.51 5.63
C ALA A 601 -6.25 14.83 6.21
N ASN A 602 -7.32 15.48 5.72
CA ASN A 602 -7.47 16.85 6.18
C ASN A 602 -7.84 17.05 7.63
N LYS A 603 -8.23 16.02 8.40
CA LYS A 603 -8.62 16.26 9.78
C LYS A 603 -7.47 16.05 10.74
N ILE A 604 -6.61 15.15 10.25
CA ILE A 604 -5.35 14.86 10.90
C ILE A 604 -4.64 16.20 11.00
N ARG A 605 -4.60 16.82 9.81
CA ARG A 605 -4.04 18.15 9.64
C ARG A 605 -4.48 19.19 10.69
N GLU A 606 -5.78 19.22 10.92
CA GLU A 606 -6.34 20.09 11.93
C GLU A 606 -5.89 19.66 13.32
N LEU A 607 -6.00 18.37 13.66
CA LEU A 607 -5.62 17.84 14.97
C LEU A 607 -4.32 18.39 15.48
N LEU A 608 -3.33 18.17 14.62
CA LEU A 608 -1.99 18.52 14.94
C LEU A 608 -1.78 19.99 15.05
N GLU A 609 -2.35 20.80 14.14
CA GLU A 609 -2.18 22.25 14.19
C GLU A 609 -2.72 22.75 15.53
N GLY A 610 -3.78 22.11 16.04
CA GLY A 610 -4.35 22.45 17.33
C GLY A 610 -3.44 22.00 18.47
N GLN A 611 -3.12 20.73 18.43
CA GLN A 611 -2.24 20.13 19.42
C GLN A 611 -0.93 20.88 19.62
N GLU A 612 -0.38 21.38 18.51
CA GLU A 612 0.81 22.17 18.47
C GLU A 612 0.51 23.42 19.24
N LYS A 613 -0.53 24.23 18.96
CA LYS A 613 -0.85 25.46 19.71
C LYS A 613 -0.75 25.28 21.21
N LEU A 614 -1.07 24.08 21.64
CA LEU A 614 -1.01 23.74 23.03
C LEU A 614 0.29 23.12 23.49
N PHE A 615 0.97 22.25 22.73
CA PHE A 615 2.12 21.47 23.23
C PHE A 615 3.42 21.52 22.40
N GLY A 616 3.47 22.30 21.33
CA GLY A 616 4.65 22.45 20.51
C GLY A 616 5.60 23.45 21.15
N LEU A 617 6.56 23.81 20.32
CA LEU A 617 7.63 24.72 20.74
C LEU A 617 7.34 26.04 21.45
N HIS A 618 6.08 26.50 21.54
CA HIS A 618 5.71 27.72 22.25
C HIS A 618 4.25 27.55 22.60
N GLY A 619 3.97 26.32 23.04
CA GLY A 619 2.64 25.90 23.36
C GLY A 619 2.01 26.49 24.60
N THR A 620 0.71 26.60 24.52
CA THR A 620 -0.16 27.11 25.55
C THR A 620 -0.10 26.36 26.87
N GLU A 621 -0.04 25.05 26.80
CA GLU A 621 0.06 24.23 27.99
C GLU A 621 1.44 23.52 27.95
N LYS A 622 2.58 24.05 27.40
CA LYS A 622 3.76 23.18 27.15
C LYS A 622 4.59 22.63 28.32
N GLU A 623 4.15 23.18 29.45
CA GLU A 623 4.56 22.89 30.83
C GLU A 623 3.96 21.59 31.37
N ARG A 624 2.85 21.22 30.77
CA ARG A 624 2.22 19.94 31.07
C ARG A 624 2.92 18.97 30.14
N PHE A 625 2.88 19.29 28.84
CA PHE A 625 3.38 18.32 27.89
C PHE A 625 3.98 18.96 26.65
N MET A 626 5.22 18.64 26.30
CA MET A 626 5.78 19.18 25.10
C MET A 626 5.76 18.03 24.10
N MET A 627 4.86 18.20 23.15
CA MET A 627 4.61 17.34 22.00
C MET A 627 5.87 16.85 21.32
N PHE A 628 6.89 17.69 21.38
CA PHE A 628 8.12 17.40 20.70
C PHE A 628 9.26 17.00 21.62
N GLN A 629 9.07 17.02 22.94
CA GLN A 629 10.17 16.67 23.83
C GLN A 629 9.92 15.22 24.28
N SER A 630 10.98 14.45 24.37
CA SER A 630 10.78 13.08 24.72
C SER A 630 11.58 12.73 25.98
N GLN A 631 11.17 11.61 26.66
CA GLN A 631 11.85 10.98 27.83
C GLN A 631 13.08 10.22 27.38
N THR A 632 13.04 9.78 26.14
CA THR A 632 14.29 9.52 25.53
C THR A 632 14.25 10.57 24.41
N LYS A 633 14.41 10.27 23.11
CA LYS A 633 14.66 11.19 21.97
C LYS A 633 13.61 11.23 20.86
N ASP A 634 13.62 10.25 19.98
CA ASP A 634 12.72 10.29 18.88
C ASP A 634 11.76 9.26 19.39
N LEU A 635 10.72 9.92 19.81
CA LEU A 635 9.58 9.30 20.44
C LEU A 635 8.55 10.11 19.73
N LEU A 636 7.84 9.35 18.91
CA LEU A 636 6.85 9.91 18.02
C LEU A 636 7.58 10.94 17.12
N PHE A 637 7.72 12.24 17.41
CA PHE A 637 8.34 13.15 16.43
C PHE A 637 9.87 13.16 16.58
N LYS A 638 10.60 13.89 15.72
CA LYS A 638 12.03 13.76 15.78
C LYS A 638 12.36 14.75 16.84
N ALA A 639 12.72 14.38 18.06
CA ALA A 639 13.04 15.32 19.10
C ALA A 639 13.44 16.75 18.74
N LEU A 640 14.33 17.04 17.77
CA LEU A 640 14.63 18.44 17.55
C LEU A 640 13.83 19.01 16.38
N THR A 641 12.54 18.70 16.49
CA THR A 641 11.49 19.15 15.60
C THR A 641 11.04 20.42 16.31
N LYS A 642 10.80 21.35 15.41
CA LYS A 642 10.36 22.64 15.80
C LYS A 642 8.89 22.94 15.55
N CYS A 643 8.43 22.66 14.32
CA CYS A 643 7.05 22.95 13.95
C CYS A 643 6.54 21.96 12.92
N LEU A 644 5.24 21.87 12.60
CA LEU A 644 4.72 20.83 11.70
C LEU A 644 4.20 21.37 10.36
N VAL A 645 5.00 21.41 9.30
CA VAL A 645 4.62 22.06 8.04
C VAL A 645 3.57 21.33 7.22
N LYS A 646 2.58 22.16 6.94
CA LYS A 646 1.42 21.78 6.18
C LYS A 646 1.78 21.66 4.73
N LEU A 647 1.58 20.44 4.29
CA LEU A 647 1.75 20.16 2.91
C LEU A 647 0.34 20.36 2.34
N ARG A 648 0.29 20.89 1.10
CA ARG A 648 -1.00 21.19 0.46
C ARG A 648 -1.71 19.94 0.03
N GLN A 649 -3.02 20.16 -0.07
CA GLN A 649 -3.97 19.07 -0.25
C GLN A 649 -3.63 18.06 -1.35
N GLY A 650 -3.63 16.78 -0.96
CA GLY A 650 -3.37 15.67 -1.88
C GLY A 650 -1.99 15.63 -2.54
N ILE A 651 -0.95 15.79 -1.74
CA ILE A 651 0.43 15.79 -2.22
C ILE A 651 0.86 14.41 -2.65
N THR A 652 1.53 14.14 -3.78
CA THR A 652 1.94 12.75 -4.02
C THR A 652 3.18 12.51 -3.21
N TYR A 653 3.38 11.32 -2.60
CA TYR A 653 4.64 10.99 -1.95
C TYR A 653 5.80 11.33 -2.87
N LYS A 654 5.65 10.98 -4.13
CA LYS A 654 6.62 11.30 -5.16
C LYS A 654 6.94 12.77 -5.17
N GLU A 655 5.98 13.66 -5.00
CA GLU A 655 6.24 15.09 -5.03
C GLU A 655 7.07 15.38 -3.79
N PHE A 656 6.56 14.92 -2.66
CA PHE A 656 7.21 15.17 -1.38
C PHE A 656 8.68 14.77 -1.31
N LEU A 657 8.92 13.61 -1.87
CA LEU A 657 10.23 13.06 -1.94
C LEU A 657 11.08 13.58 -3.07
N GLY A 658 10.51 14.18 -4.13
CA GLY A 658 11.31 14.63 -5.26
C GLY A 658 12.02 13.52 -6.04
N ASP A 659 12.16 13.83 -7.33
CA ASP A 659 12.72 12.92 -8.31
C ASP A 659 14.01 12.19 -7.99
N GLU A 660 14.97 12.87 -7.34
CA GLU A 660 16.22 12.22 -6.96
C GLU A 660 15.99 11.14 -5.94
N TYR A 661 15.38 11.51 -4.82
CA TYR A 661 15.24 10.53 -3.78
C TYR A 661 14.31 9.45 -4.27
N TYR A 662 13.20 9.85 -4.89
CA TYR A 662 12.30 8.87 -5.46
C TYR A 662 13.07 7.88 -6.35
N ALA A 663 13.99 8.32 -7.19
CA ALA A 663 14.65 7.37 -8.05
C ALA A 663 15.55 6.47 -7.24
N SER A 664 16.26 7.03 -6.25
CA SER A 664 17.23 6.26 -5.47
C SER A 664 16.67 5.01 -4.86
N VAL A 665 15.63 5.36 -4.12
CA VAL A 665 14.91 4.39 -3.35
C VAL A 665 14.30 3.35 -4.25
N ALA A 666 13.51 3.73 -5.25
CA ALA A 666 12.83 2.81 -6.12
C ALA A 666 13.73 1.76 -6.72
N SER A 667 14.92 2.19 -7.10
CA SER A 667 15.86 1.27 -7.66
C SER A 667 16.44 0.36 -6.60
N LEU A 668 16.88 0.97 -5.48
CA LEU A 668 17.47 0.24 -4.36
C LEU A 668 16.53 -0.88 -3.95
N ASN A 669 15.25 -0.54 -3.97
CA ASN A 669 14.28 -1.50 -3.59
C ASN A 669 13.96 -2.53 -4.65
N THR A 670 14.32 -2.44 -5.93
CA THR A 670 14.09 -3.61 -6.77
C THR A 670 15.04 -4.73 -6.35
N CYS A 671 16.04 -4.42 -5.53
CA CYS A 671 16.97 -5.42 -5.14
C CYS A 671 16.34 -6.42 -4.18
N ASN A 672 16.03 -6.02 -2.97
CA ASN A 672 15.63 -7.02 -2.02
C ASN A 672 14.49 -6.46 -1.22
N PRO A 673 13.27 -6.59 -1.77
CA PRO A 673 12.14 -5.82 -1.29
C PRO A 673 11.69 -6.38 0.07
N SER A 674 10.99 -5.67 0.97
CA SER A 674 10.54 -6.36 2.17
C SER A 674 9.12 -6.89 1.99
N ASP A 675 8.75 -7.75 2.94
CA ASP A 675 7.38 -8.21 2.95
C ASP A 675 6.34 -7.11 2.73
N LEU A 676 6.42 -5.98 3.45
CA LEU A 676 5.38 -4.98 3.27
C LEU A 676 5.48 -4.30 1.93
N LEU A 677 6.65 -4.02 1.37
CA LEU A 677 6.61 -3.31 0.11
C LEU A 677 6.08 -4.19 -0.96
N GLN A 678 6.33 -5.47 -0.80
CA GLN A 678 5.83 -6.46 -1.72
C GLN A 678 4.33 -6.42 -1.82
N VAL A 679 3.63 -6.47 -0.70
CA VAL A 679 2.19 -6.46 -0.78
C VAL A 679 1.73 -5.14 -1.31
N CYS A 680 2.33 -4.04 -0.89
CA CYS A 680 1.87 -2.78 -1.38
C CYS A 680 2.09 -2.70 -2.87
N THR A 681 3.09 -3.39 -3.38
CA THR A 681 3.32 -3.44 -4.82
C THR A 681 2.23 -4.29 -5.49
N PHE A 682 1.83 -5.41 -4.90
CA PHE A 682 0.79 -6.25 -5.50
C PHE A 682 -0.59 -5.56 -5.55
N LEU A 683 -0.89 -4.79 -4.50
CA LEU A 683 -2.12 -4.08 -4.44
C LEU A 683 -1.94 -2.77 -5.21
N GLU A 684 -0.84 -2.41 -5.84
CA GLU A 684 -0.88 -1.35 -6.81
C GLU A 684 -1.33 -2.11 -8.04
N ASP A 685 -2.61 -2.18 -7.97
CA ASP A 685 -3.43 -2.96 -8.86
C ASP A 685 -4.64 -2.62 -7.99
N LYS A 686 -4.84 -3.33 -6.84
CA LYS A 686 -5.93 -3.25 -5.87
C LYS A 686 -7.36 -3.31 -6.37
#